data_5ZJ4
#
_entry.id   5ZJ4
#
_cell.length_a   93.048
_cell.length_b   51.185
_cell.length_c   94.972
_cell.angle_alpha   90.000
_cell.angle_beta   116.238
_cell.angle_gamma   90.000
#
_symmetry.space_group_name_H-M   'P 1 21 1'
#
loop_
_entity.id
_entity.type
_entity.pdbx_description
1 polymer ADP-ribosyltransferase
2 non-polymer (4S)-2-METHYL-2,4-PENTANEDIOL
3 water water
#
_entity_poly.entity_id   1
_entity_poly.type   'polypeptide(L)'
_entity_poly.pdbx_seq_one_letter_code
;APACPQFDDRTKAAADRGVDVDRITPEPVWRTTCGTLYRSDSRGPQVVFEEGFHAKDVQNGQYDVEKYVLVNQPSPYVST
SYDHDLYKTWYKSGYNYYVDAPGGIDVNKTIGDTHKWADQVEVAFPGGIQRKYIIGVCPVDRQTKTEIMSDCESNPHYQP
WH
;
_entity_poly.pdbx_strand_id   A,B,C,D
#
# COMPACT_ATOMS: atom_id res chain seq x y z
N ALA A 3 25.40 19.29 -9.91
CA ALA A 3 25.72 19.21 -8.49
C ALA A 3 24.46 19.13 -7.66
N CYS A 4 24.60 19.39 -6.33
N CYS A 4 24.52 19.64 -6.44
CA CYS A 4 23.43 19.44 -5.45
CA CYS A 4 23.46 19.40 -5.50
C CYS A 4 23.15 20.88 -5.06
C CYS A 4 23.11 20.77 -4.91
N PRO A 5 21.91 21.30 -5.19
CA PRO A 5 21.54 22.62 -4.67
C PRO A 5 21.74 22.64 -3.17
N GLN A 6 22.29 23.76 -2.68
CA GLN A 6 22.45 24.04 -1.26
C GLN A 6 21.51 25.16 -0.86
N PHE A 7 21.00 25.10 0.36
CA PHE A 7 20.08 26.11 0.84
C PHE A 7 20.63 26.79 2.09
N ASP A 8 20.41 28.10 2.23
CA ASP A 8 20.91 28.79 3.41
C ASP A 8 20.21 28.25 4.66
N ASP A 9 18.94 27.86 4.54
CA ASP A 9 18.22 27.32 5.68
C ASP A 9 18.60 25.85 5.81
N ARG A 10 19.34 25.55 6.86
CA ARG A 10 19.78 24.17 7.03
C ARG A 10 18.63 23.25 7.40
N THR A 11 17.45 23.78 7.76
CA THR A 11 16.30 22.93 8.02
C THR A 11 15.19 23.13 6.99
N LYS A 12 15.59 23.47 5.74
CA LYS A 12 14.65 23.50 4.64
C LYS A 12 13.80 22.25 4.56
N ALA A 13 14.40 21.09 4.81
CA ALA A 13 13.67 19.82 4.73
C ALA A 13 12.57 19.63 5.73
N ALA A 14 12.58 20.39 6.86
CA ALA A 14 11.75 20.05 8.01
C ALA A 14 10.27 20.05 7.70
N ALA A 15 9.59 19.07 8.30
CA ALA A 15 8.11 19.08 8.36
C ALA A 15 7.56 19.90 9.49
N ASP A 16 8.36 20.08 10.55
CA ASP A 16 7.97 20.82 11.74
C ASP A 16 8.64 22.16 11.64
N ARG A 17 7.85 23.22 11.56
CA ARG A 17 8.35 24.56 11.75
C ARG A 17 8.88 24.73 13.17
N GLY A 18 9.79 25.68 13.33
CA GLY A 18 10.16 26.05 14.68
C GLY A 18 11.24 25.24 15.34
N VAL A 19 11.99 24.44 14.59
CA VAL A 19 13.15 23.84 15.20
C VAL A 19 14.13 24.93 15.55
N ASP A 20 14.74 24.82 16.69
CA ASP A 20 15.72 25.82 17.07
C ASP A 20 17.10 25.28 16.74
N VAL A 21 17.63 25.68 15.60
CA VAL A 21 18.89 25.13 15.13
C VAL A 21 19.98 25.38 16.13
N ASP A 22 19.89 26.47 16.88
CA ASP A 22 20.96 26.85 17.79
C ASP A 22 20.99 25.93 19.00
N ARG A 23 19.94 25.13 19.23
N ARG A 23 19.93 25.14 19.23
CA ARG A 23 20.02 24.21 20.35
CA ARG A 23 19.92 24.19 20.33
C ARG A 23 20.61 22.87 19.97
C ARG A 23 20.56 22.86 19.96
N ILE A 24 20.86 22.63 18.67
CA ILE A 24 21.48 21.38 18.24
C ILE A 24 22.90 21.35 18.76
N THR A 25 23.27 20.26 19.43
CA THR A 25 24.59 20.16 20.03
C THR A 25 25.01 18.69 19.92
N PRO A 26 26.31 18.41 19.79
CA PRO A 26 27.39 19.36 19.54
C PRO A 26 27.23 19.97 18.16
N GLU A 27 28.16 20.82 17.75
CA GLU A 27 27.94 21.59 16.53
C GLU A 27 27.69 20.66 15.35
N PRO A 28 26.60 20.83 14.62
CA PRO A 28 26.27 19.87 13.57
C PRO A 28 27.16 20.02 12.35
N VAL A 29 27.52 18.87 11.76
CA VAL A 29 28.10 18.83 10.40
C VAL A 29 26.97 18.41 9.46
N TRP A 30 26.58 19.35 8.62
CA TRP A 30 25.44 19.18 7.72
C TRP A 30 25.84 18.42 6.45
N ARG A 31 24.98 17.50 6.05
CA ARG A 31 25.17 16.78 4.79
C ARG A 31 24.97 17.75 3.63
N THR A 32 25.91 17.71 2.67
CA THR A 32 25.83 18.57 1.49
C THR A 32 25.61 17.81 0.21
N THR A 33 25.45 16.48 0.30
CA THR A 33 25.14 15.68 -0.89
C THR A 33 23.63 15.53 -1.05
N CYS A 34 23.21 14.87 -2.13
N CYS A 34 23.21 14.85 -2.13
CA CYS A 34 21.79 14.81 -2.43
CA CYS A 34 21.82 14.82 -2.57
C CYS A 34 21.45 13.47 -3.07
C CYS A 34 21.33 13.42 -2.94
N GLY A 35 22.05 12.40 -2.54
CA GLY A 35 21.68 11.05 -2.91
C GLY A 35 20.49 10.55 -2.14
N THR A 36 19.98 9.39 -2.59
CA THR A 36 18.84 8.82 -1.90
C THR A 36 19.24 8.38 -0.50
N LEU A 37 18.37 8.67 0.47
CA LEU A 37 18.48 8.20 1.85
C LEU A 37 17.31 7.28 2.17
N TYR A 38 17.37 6.55 3.28
CA TYR A 38 16.38 5.52 3.59
C TYR A 38 15.94 5.60 5.02
N ARG A 39 14.68 5.28 5.24
CA ARG A 39 14.16 5.23 6.60
C ARG A 39 13.20 4.05 6.72
N SER A 40 13.44 3.19 7.72
CA SER A 40 12.49 2.13 8.08
C SER A 40 11.47 2.71 9.04
N ASP A 41 10.18 2.41 8.78
CA ASP A 41 9.11 2.92 9.63
C ASP A 41 7.97 1.92 9.63
N SER A 42 7.30 1.78 10.79
CA SER A 42 6.14 0.90 10.88
C SER A 42 4.91 1.49 10.19
N ARG A 43 4.86 2.80 9.99
CA ARG A 43 3.65 3.40 9.43
C ARG A 43 3.66 3.25 7.90
N GLY A 44 2.48 2.89 7.33
CA GLY A 44 2.37 2.74 5.90
C GLY A 44 2.26 4.08 5.17
N PRO A 45 2.33 4.00 3.85
CA PRO A 45 2.39 5.21 3.03
C PRO A 45 1.14 6.08 3.11
N GLN A 46 -0.03 5.52 3.48
N GLN A 46 -0.04 5.56 3.41
CA GLN A 46 -1.28 6.32 3.63
CA GLN A 46 -1.14 6.51 3.47
C GLN A 46 -1.07 7.52 4.55
C GLN A 46 -0.80 7.64 4.43
N VAL A 47 -0.39 7.31 5.66
CA VAL A 47 -0.08 8.41 6.59
C VAL A 47 1.22 9.10 6.23
N VAL A 48 2.29 8.36 5.90
CA VAL A 48 3.59 9.00 5.69
C VAL A 48 3.58 9.92 4.47
N PHE A 49 2.95 9.50 3.38
CA PHE A 49 2.94 10.38 2.21
C PHE A 49 2.06 11.60 2.42
N GLU A 50 1.03 11.49 3.25
N GLU A 50 1.07 11.52 3.29
CA GLU A 50 0.16 12.64 3.58
CA GLU A 50 0.22 12.69 3.52
C GLU A 50 0.83 13.62 4.51
C GLU A 50 0.81 13.64 4.55
N GLU A 51 1.47 13.11 5.58
CA GLU A 51 2.03 13.94 6.64
C GLU A 51 3.50 14.23 6.54
N GLY A 52 4.28 13.45 5.82
CA GLY A 52 5.74 13.52 5.93
C GLY A 52 6.14 12.84 7.25
N PHE A 53 7.43 12.96 7.52
CA PHE A 53 7.99 12.43 8.77
C PHE A 53 8.09 13.61 9.75
N HIS A 54 7.24 13.59 10.78
CA HIS A 54 7.37 14.59 11.84
C HIS A 54 8.20 14.02 12.98
N ALA A 55 8.97 14.90 13.63
CA ALA A 55 9.73 14.44 14.77
C ALA A 55 8.85 14.30 15.99
N LYS A 56 9.31 13.45 16.93
CA LYS A 56 8.52 13.17 18.13
C LYS A 56 8.35 14.38 19.02
N ASP A 57 9.41 15.17 19.23
CA ASP A 57 9.29 16.27 20.21
C ASP A 57 10.28 17.35 19.82
N VAL A 58 9.82 18.27 18.96
CA VAL A 58 10.64 19.41 18.58
C VAL A 58 10.77 20.40 19.73
N GLN A 59 9.73 20.58 20.54
CA GLN A 59 9.79 21.59 21.59
C GLN A 59 10.67 21.17 22.75
N ASN A 60 10.51 19.94 23.24
CA ASN A 60 11.11 19.54 24.51
C ASN A 60 11.97 18.29 24.39
N GLY A 61 12.23 17.80 23.17
CA GLY A 61 13.00 16.59 23.03
C GLY A 61 14.49 16.78 23.22
N GLN A 62 15.20 15.67 23.02
CA GLN A 62 16.65 15.63 23.24
C GLN A 62 17.38 16.22 22.03
N TYR A 63 17.97 17.41 22.17
CA TYR A 63 18.69 18.06 21.10
C TYR A 63 20.15 17.64 21.04
N ASP A 64 20.69 17.00 22.07
CA ASP A 64 22.08 16.60 21.99
C ASP A 64 22.18 15.29 21.18
N VAL A 65 22.99 15.31 20.12
CA VAL A 65 23.03 14.19 19.18
C VAL A 65 23.69 12.99 19.81
N GLU A 66 24.75 13.19 20.60
CA GLU A 66 25.38 12.07 21.31
C GLU A 66 24.40 11.40 22.26
N LYS A 67 23.65 12.20 23.05
CA LYS A 67 22.71 11.60 23.99
C LYS A 67 21.59 10.91 23.26
N TYR A 68 21.11 11.50 22.15
N TYR A 68 21.16 11.50 22.13
CA TYR A 68 20.02 10.87 21.40
CA TYR A 68 20.11 10.96 21.28
C TYR A 68 20.47 9.51 20.82
C TYR A 68 20.47 9.58 20.75
N VAL A 69 21.73 9.39 20.38
CA VAL A 69 22.21 8.07 19.93
C VAL A 69 22.41 7.10 21.08
N LEU A 70 22.93 7.56 22.24
CA LEU A 70 23.12 6.67 23.36
C LEU A 70 21.80 6.06 23.86
N VAL A 71 20.73 6.84 23.91
CA VAL A 71 19.47 6.39 24.52
C VAL A 71 18.33 6.86 23.63
N ASN A 72 17.58 5.94 23.05
CA ASN A 72 16.46 6.35 22.22
C ASN A 72 15.42 7.03 23.10
N GLN A 73 15.02 8.23 22.69
CA GLN A 73 14.14 9.08 23.51
C GLN A 73 13.52 10.12 22.58
N PRO A 74 12.42 10.75 22.98
CA PRO A 74 11.79 11.74 22.10
C PRO A 74 12.74 12.88 21.81
N SER A 75 12.77 13.29 20.54
CA SER A 75 13.82 14.21 20.09
C SER A 75 13.25 15.02 18.94
N PRO A 76 13.96 16.08 18.53
CA PRO A 76 13.56 16.83 17.33
C PRO A 76 14.02 16.18 16.04
N TYR A 77 14.63 15.00 16.08
CA TYR A 77 15.28 14.42 14.91
C TYR A 77 14.47 13.24 14.35
N VAL A 78 14.41 13.15 13.02
CA VAL A 78 13.97 11.94 12.33
C VAL A 78 15.21 11.31 11.71
N SER A 79 15.48 10.06 12.06
CA SER A 79 16.64 9.37 11.50
C SER A 79 16.39 8.77 10.09
N THR A 80 17.43 8.86 9.27
CA THR A 80 17.51 8.16 8.00
C THR A 80 18.91 7.61 7.89
N SER A 81 19.17 6.80 6.85
CA SER A 81 20.49 6.22 6.62
C SER A 81 20.91 6.41 5.17
N TYR A 82 22.23 6.50 4.98
CA TYR A 82 22.78 6.36 3.65
C TYR A 82 22.64 4.95 3.07
N ASP A 83 22.36 3.92 3.91
CA ASP A 83 22.44 2.51 3.47
C ASP A 83 21.07 2.01 3.07
N HIS A 84 20.92 1.76 1.76
CA HIS A 84 19.66 1.19 1.26
C HIS A 84 19.28 -0.07 1.99
N ASP A 85 20.27 -0.88 2.42
CA ASP A 85 19.96 -2.18 3.03
C ASP A 85 19.79 -2.16 4.53
N LEU A 86 19.78 -1.00 5.17
CA LEU A 86 19.61 -1.02 6.63
C LEU A 86 18.27 -1.63 7.02
N TYR A 87 17.27 -1.58 6.12
CA TYR A 87 15.99 -2.25 6.42
C TYR A 87 16.17 -3.70 6.83
N LYS A 88 17.21 -4.39 6.31
CA LYS A 88 17.39 -5.80 6.67
C LYS A 88 17.72 -5.97 8.15
N THR A 89 18.36 -4.97 8.77
CA THR A 89 18.60 -5.03 10.20
C THR A 89 17.31 -4.76 10.95
N TRP A 90 16.56 -3.79 10.46
CA TRP A 90 15.27 -3.38 11.03
C TRP A 90 14.11 -4.02 10.32
N TYR A 91 14.19 -5.36 10.16
CA TYR A 91 13.27 -6.09 9.28
C TYR A 91 11.87 -6.25 9.81
N LYS A 92 11.62 -5.91 11.09
CA LYS A 92 10.27 -5.98 11.63
C LYS A 92 9.51 -4.68 11.44
N SER A 93 10.17 -3.64 10.93
CA SER A 93 9.48 -2.42 10.49
C SER A 93 9.08 -2.65 9.03
N GLY A 94 7.83 -2.51 8.77
CA GLY A 94 7.32 -3.03 7.55
C GLY A 94 7.56 -2.22 6.32
N TYR A 95 8.16 -1.03 6.42
CA TYR A 95 8.31 -0.21 5.22
C TYR A 95 9.70 0.35 5.15
N ASN A 96 10.25 0.38 3.93
CA ASN A 96 11.54 1.05 3.62
C ASN A 96 11.22 2.27 2.76
N TYR A 97 11.33 3.46 3.36
CA TYR A 97 11.06 4.70 2.64
C TYR A 97 12.28 5.25 1.99
N TYR A 98 12.10 5.75 0.77
CA TYR A 98 13.20 6.29 -0.04
C TYR A 98 13.03 7.81 -0.01
N VAL A 99 14.07 8.50 0.44
CA VAL A 99 14.03 9.95 0.75
C VAL A 99 15.01 10.69 -0.15
N ASP A 100 14.56 11.82 -0.73
CA ASP A 100 15.42 12.74 -1.49
C ASP A 100 15.19 14.13 -0.92
N ALA A 101 15.97 14.46 0.11
CA ALA A 101 15.74 15.69 0.84
C ALA A 101 17.06 16.44 1.01
N PRO A 102 17.04 17.77 1.04
CA PRO A 102 18.27 18.53 1.25
C PRO A 102 18.69 18.50 2.71
N GLY A 103 20.02 18.54 2.93
CA GLY A 103 20.51 18.75 4.30
C GLY A 103 20.48 17.54 5.19
N GLY A 104 20.08 17.75 6.43
CA GLY A 104 20.23 16.73 7.46
C GLY A 104 21.60 16.80 8.11
N ILE A 105 21.65 16.33 9.37
CA ILE A 105 22.91 16.26 10.12
C ILE A 105 23.57 14.94 9.85
N ASP A 106 24.80 14.97 9.35
CA ASP A 106 25.53 13.71 9.16
C ASP A 106 26.03 13.29 10.53
N VAL A 107 25.42 12.22 11.06
CA VAL A 107 25.67 11.85 12.46
C VAL A 107 27.13 11.48 12.67
N ASN A 108 27.71 10.62 11.82
CA ASN A 108 29.11 10.20 12.07
C ASN A 108 30.07 11.37 11.91
N LYS A 109 29.80 12.29 10.99
CA LYS A 109 30.66 13.46 10.91
C LYS A 109 30.52 14.38 12.13
N THR A 110 29.41 14.31 12.84
CA THR A 110 29.13 15.21 13.94
C THR A 110 29.57 14.65 15.27
N ILE A 111 29.38 13.34 15.50
CA ILE A 111 29.74 12.72 16.78
C ILE A 111 30.82 11.65 16.66
N GLY A 112 31.38 11.46 15.48
CA GLY A 112 32.44 10.48 15.29
C GLY A 112 31.89 9.17 14.78
N ASP A 113 32.81 8.24 14.50
CA ASP A 113 32.42 7.02 13.83
C ASP A 113 32.65 5.76 14.66
N THR A 114 32.68 5.91 15.98
CA THR A 114 32.92 4.76 16.83
C THR A 114 31.79 4.52 17.83
N HIS A 115 30.75 5.35 17.83
CA HIS A 115 29.57 5.16 18.69
C HIS A 115 28.78 3.92 18.27
N LYS A 116 27.80 3.57 19.11
CA LYS A 116 27.09 2.28 19.00
C LYS A 116 26.41 2.10 17.65
N TRP A 117 25.94 3.17 17.06
CA TRP A 117 25.19 3.09 15.81
C TRP A 117 25.98 3.63 14.62
N ALA A 118 27.30 3.67 14.72
CA ALA A 118 28.07 4.21 13.60
C ALA A 118 27.87 3.44 12.30
N ASP A 119 27.73 2.11 12.37
CA ASP A 119 27.56 1.37 11.13
C ASP A 119 26.23 1.63 10.46
N GLN A 120 25.27 2.31 11.14
CA GLN A 120 24.03 2.66 10.49
C GLN A 120 24.11 3.92 9.66
N VAL A 121 25.28 4.56 9.63
CA VAL A 121 25.56 5.66 8.71
C VAL A 121 24.37 6.62 8.61
N GLU A 122 24.01 7.23 9.75
CA GLU A 122 22.74 7.97 9.86
C GLU A 122 22.88 9.41 9.42
N VAL A 123 21.76 9.93 8.93
CA VAL A 123 21.53 11.35 8.71
C VAL A 123 20.30 11.71 9.50
N ALA A 124 20.45 12.65 10.44
CA ALA A 124 19.36 13.02 11.36
C ALA A 124 18.75 14.34 10.92
N PHE A 125 17.45 14.33 10.64
CA PHE A 125 16.77 15.55 10.14
C PHE A 125 16.07 16.32 11.24
N PRO A 126 16.58 17.48 11.64
CA PRO A 126 15.92 18.26 12.71
C PRO A 126 14.61 18.84 12.21
N GLY A 127 13.53 18.57 12.94
CA GLY A 127 12.21 18.93 12.45
C GLY A 127 11.68 17.99 11.41
N GLY A 128 12.35 16.87 11.18
CA GLY A 128 11.79 15.85 10.30
C GLY A 128 11.94 16.21 8.83
N ILE A 129 11.05 15.62 8.02
CA ILE A 129 11.20 15.60 6.55
C ILE A 129 9.82 15.82 5.98
N GLN A 130 9.63 16.96 5.33
CA GLN A 130 8.30 17.19 4.73
C GLN A 130 8.06 16.21 3.58
N ARG A 131 6.75 16.01 3.33
CA ARG A 131 6.35 14.96 2.40
C ARG A 131 6.87 15.13 0.99
N LYS A 132 7.11 16.35 0.53
CA LYS A 132 7.59 16.54 -0.85
C LYS A 132 8.97 15.94 -1.06
N TYR A 133 9.69 15.61 0.00
CA TYR A 133 11.03 15.02 -0.12
C TYR A 133 11.02 13.53 0.07
N ILE A 134 9.86 12.89 0.09
CA ILE A 134 9.79 11.42 0.19
C ILE A 134 9.47 10.89 -1.20
N ILE A 135 10.40 10.11 -1.76
CA ILE A 135 10.20 9.58 -3.12
C ILE A 135 9.07 8.59 -3.15
N GLY A 136 9.09 7.64 -2.22
CA GLY A 136 8.21 6.49 -2.31
C GLY A 136 8.61 5.49 -1.25
N VAL A 137 8.09 4.27 -1.38
CA VAL A 137 8.29 3.26 -0.35
C VAL A 137 8.29 1.89 -0.98
N CYS A 138 9.00 0.96 -0.33
CA CYS A 138 8.76 -0.47 -0.60
C CYS A 138 8.43 -1.17 0.71
N PRO A 139 7.43 -2.01 0.75
CA PRO A 139 7.18 -2.82 1.96
C PRO A 139 8.27 -3.86 2.11
N VAL A 140 8.42 -4.32 3.34
CA VAL A 140 9.46 -5.28 3.71
C VAL A 140 8.82 -6.57 4.22
N ASP A 141 9.27 -7.71 3.68
CA ASP A 141 8.81 -9.02 4.13
C ASP A 141 9.63 -9.41 5.35
N ARG A 142 8.96 -9.55 6.47
CA ARG A 142 9.67 -9.87 7.70
C ARG A 142 10.37 -11.23 7.63
N GLN A 143 9.75 -12.22 6.99
CA GLN A 143 10.37 -13.54 7.08
C GLN A 143 11.65 -13.64 6.27
N THR A 144 11.69 -13.06 5.10
CA THR A 144 12.88 -13.15 4.27
C THR A 144 13.78 -11.94 4.38
N LYS A 145 13.34 -10.86 5.04
CA LYS A 145 14.12 -9.66 5.15
C LYS A 145 14.45 -9.05 3.81
N THR A 146 13.45 -9.01 2.94
CA THR A 146 13.60 -8.49 1.59
C THR A 146 12.52 -7.49 1.30
N GLU A 147 12.78 -6.64 0.33
CA GLU A 147 11.73 -5.73 -0.13
C GLU A 147 10.76 -6.42 -1.06
N ILE A 148 9.47 -6.11 -0.87
CA ILE A 148 8.40 -6.69 -1.72
C ILE A 148 8.26 -5.75 -2.91
N MET A 149 9.13 -5.98 -3.93
CA MET A 149 9.31 -4.94 -4.95
C MET A 149 8.13 -4.79 -5.90
N SER A 150 7.25 -5.81 -5.99
CA SER A 150 6.04 -5.59 -6.77
C SER A 150 5.01 -4.70 -6.11
N ASP A 151 5.19 -4.34 -4.83
CA ASP A 151 4.20 -3.57 -4.06
C ASP A 151 4.78 -2.21 -3.65
N CYS A 152 5.88 -1.80 -4.25
CA CYS A 152 6.38 -0.44 -3.96
C CYS A 152 5.43 0.61 -4.51
N GLU A 153 5.50 1.82 -3.98
CA GLU A 153 4.57 2.87 -4.35
C GLU A 153 5.31 4.20 -4.39
N SER A 154 5.05 4.98 -5.42
CA SER A 154 5.54 6.37 -5.49
C SER A 154 4.68 7.30 -4.65
N ASN A 155 5.35 8.30 -4.05
CA ASN A 155 4.59 9.31 -3.28
C ASN A 155 4.03 10.33 -4.27
N PRO A 156 2.70 10.50 -4.34
CA PRO A 156 2.14 11.48 -5.28
C PRO A 156 2.62 12.89 -5.02
N HIS A 157 3.11 13.19 -3.80
CA HIS A 157 3.51 14.54 -3.46
C HIS A 157 5.01 14.76 -3.65
N TYR A 158 5.77 13.78 -4.12
CA TYR A 158 7.21 14.00 -4.29
C TYR A 158 7.41 15.12 -5.31
N GLN A 159 8.29 16.06 -4.99
CA GLN A 159 8.61 17.19 -5.88
C GLN A 159 10.12 17.17 -6.15
N PRO A 160 10.54 16.67 -7.33
CA PRO A 160 11.97 16.68 -7.65
C PRO A 160 12.49 18.09 -7.59
N TRP A 161 13.73 18.22 -7.13
CA TRP A 161 14.38 19.51 -6.87
C TRP A 161 15.82 19.55 -7.35
N HIS A 162 16.31 18.50 -7.97
CA HIS A 162 17.63 18.51 -8.64
C HIS A 162 17.62 17.41 -9.64
N ALA B 3 -11.31 13.97 0.07
CA ALA B 3 -11.73 13.35 -1.18
C ALA B 3 -10.92 12.08 -1.49
N CYS B 4 -11.00 11.63 -2.77
N CYS B 4 -10.73 11.83 -2.77
CA CYS B 4 -10.31 10.41 -3.23
CA CYS B 4 -10.35 10.51 -3.20
C CYS B 4 -9.17 10.80 -4.14
C CYS B 4 -9.20 10.72 -4.18
N PRO B 5 -7.99 10.27 -3.85
CA PRO B 5 -6.86 10.46 -4.77
C PRO B 5 -7.17 9.86 -6.11
N GLN B 6 -6.71 10.56 -7.16
CA GLN B 6 -6.83 10.11 -8.53
C GLN B 6 -5.44 9.78 -9.07
N PHE B 7 -5.37 8.80 -9.97
CA PHE B 7 -4.08 8.44 -10.58
C PHE B 7 -4.13 8.67 -12.07
N ASP B 8 -3.03 9.16 -12.62
CA ASP B 8 -2.93 9.36 -14.07
C ASP B 8 -2.97 8.03 -14.81
N ASP B 9 -2.47 6.97 -14.18
CA ASP B 9 -2.53 5.63 -14.76
C ASP B 9 -3.95 5.09 -14.60
N ARG B 10 -4.68 5.00 -15.72
N ARG B 10 -4.68 4.96 -15.71
CA ARG B 10 -6.06 4.50 -15.69
CA ARG B 10 -6.05 4.48 -15.71
C ARG B 10 -6.14 3.09 -15.17
C ARG B 10 -6.17 3.02 -15.33
N THR B 11 -5.05 2.32 -15.27
CA THR B 11 -5.03 0.97 -14.74
C THR B 11 -4.06 0.84 -13.58
N LYS B 12 -3.93 1.90 -12.77
CA LYS B 12 -3.11 1.78 -11.54
C LYS B 12 -3.48 0.53 -10.74
N ALA B 13 -4.78 0.19 -10.67
CA ALA B 13 -5.19 -0.95 -9.85
C ALA B 13 -4.74 -2.30 -10.40
N ALA B 14 -4.33 -2.38 -11.68
CA ALA B 14 -4.20 -3.69 -12.34
C ALA B 14 -3.19 -4.63 -11.69
N ALA B 15 -3.55 -5.91 -11.69
CA ALA B 15 -2.59 -7.00 -11.43
C ALA B 15 -1.74 -7.34 -12.65
N ASP B 16 -2.27 -7.11 -13.86
CA ASP B 16 -1.63 -7.42 -15.13
C ASP B 16 -1.28 -6.06 -15.74
N ARG B 17 -0.01 -5.73 -15.78
CA ARG B 17 0.42 -4.46 -16.36
C ARG B 17 0.29 -4.46 -17.89
N GLY B 18 0.23 -3.25 -18.45
CA GLY B 18 0.30 -3.10 -19.89
C GLY B 18 -1.00 -3.33 -20.65
N VAL B 19 -2.16 -3.17 -20.00
CA VAL B 19 -3.41 -3.17 -20.74
C VAL B 19 -3.50 -1.88 -21.55
N ASP B 20 -3.96 -1.98 -22.79
CA ASP B 20 -4.12 -0.82 -23.67
C ASP B 20 -5.57 -0.35 -23.53
N VAL B 21 -5.79 0.76 -22.80
CA VAL B 21 -7.15 1.24 -22.59
C VAL B 21 -7.83 1.60 -23.90
N ASP B 22 -7.06 1.95 -24.93
CA ASP B 22 -7.67 2.39 -26.18
C ASP B 22 -8.47 1.30 -26.86
N ARG B 23 -8.26 0.05 -26.48
CA ARG B 23 -9.03 -1.07 -27.03
C ARG B 23 -10.40 -1.23 -26.36
N ILE B 24 -10.67 -0.56 -25.24
CA ILE B 24 -11.93 -0.76 -24.52
C ILE B 24 -13.08 -0.07 -25.26
N THR B 25 -14.21 -0.76 -25.36
CA THR B 25 -15.43 -0.26 -26.00
C THR B 25 -16.58 -0.66 -25.08
N PRO B 26 -17.70 0.10 -25.07
CA PRO B 26 -17.80 1.45 -25.62
C PRO B 26 -16.96 2.36 -24.71
N GLU B 27 -16.99 3.65 -24.96
CA GLU B 27 -16.14 4.61 -24.28
C GLU B 27 -16.30 4.41 -22.77
N PRO B 28 -15.23 4.14 -22.05
CA PRO B 28 -15.40 3.83 -20.62
C PRO B 28 -15.68 5.07 -19.80
N VAL B 29 -16.55 4.91 -18.81
CA VAL B 29 -16.72 5.91 -17.75
C VAL B 29 -15.99 5.40 -16.51
N TRP B 30 -14.89 6.05 -16.16
CA TRP B 30 -14.06 5.61 -15.03
C TRP B 30 -14.62 6.04 -13.68
N ARG B 31 -14.56 5.12 -12.72
CA ARG B 31 -14.99 5.40 -11.35
C ARG B 31 -13.99 6.34 -10.72
N THR B 32 -14.50 7.38 -10.07
CA THR B 32 -13.61 8.35 -9.39
C THR B 32 -13.76 8.33 -7.89
N THR B 33 -14.65 7.52 -7.35
CA THR B 33 -14.84 7.36 -5.91
C THR B 33 -13.91 6.28 -5.38
N CYS B 34 -13.92 6.09 -4.06
N CYS B 34 -13.96 6.09 -4.04
CA CYS B 34 -12.94 5.20 -3.43
CA CYS B 34 -12.93 5.35 -3.30
C CYS B 34 -13.56 4.54 -2.24
C CYS B 34 -13.55 4.46 -2.24
N GLY B 35 -14.84 4.16 -2.37
CA GLY B 35 -15.46 3.30 -1.39
C GLY B 35 -15.07 1.85 -1.58
N THR B 36 -15.33 1.07 -0.54
CA THR B 36 -15.08 -0.37 -0.62
C THR B 36 -15.94 -1.04 -1.71
N LEU B 37 -15.31 -1.89 -2.53
CA LEU B 37 -16.01 -2.69 -3.53
C LEU B 37 -15.91 -4.15 -3.10
N TYR B 38 -16.67 -5.02 -3.76
CA TYR B 38 -16.79 -6.43 -3.29
C TYR B 38 -16.69 -7.38 -4.47
N ARG B 39 -16.06 -8.53 -4.25
CA ARG B 39 -16.05 -9.55 -5.28
C ARG B 39 -16.29 -10.90 -4.65
N SER B 40 -17.22 -11.68 -5.19
CA SER B 40 -17.39 -13.07 -4.77
C SER B 40 -16.41 -13.91 -5.57
N ASP B 41 -15.64 -14.75 -4.89
CA ASP B 41 -14.70 -15.61 -5.59
C ASP B 41 -14.54 -16.91 -4.82
N SER B 42 -14.44 -18.04 -5.55
CA SER B 42 -14.30 -19.30 -4.84
C SER B 42 -12.86 -19.57 -4.38
N ARG B 43 -11.85 -18.83 -4.86
CA ARG B 43 -10.48 -19.07 -4.45
C ARG B 43 -10.28 -18.52 -3.04
N GLY B 44 -9.52 -19.25 -2.24
CA GLY B 44 -9.36 -18.86 -0.84
C GLY B 44 -8.28 -17.83 -0.66
N PRO B 45 -8.29 -17.21 0.53
CA PRO B 45 -7.38 -16.08 0.80
C PRO B 45 -5.89 -16.41 0.72
N GLN B 46 -5.48 -17.63 0.99
CA GLN B 46 -4.06 -17.92 0.84
C GLN B 46 -3.61 -17.75 -0.61
N VAL B 47 -4.48 -18.01 -1.56
CA VAL B 47 -4.20 -17.75 -2.97
C VAL B 47 -4.43 -16.28 -3.33
N VAL B 48 -5.61 -15.72 -3.02
CA VAL B 48 -5.97 -14.40 -3.49
C VAL B 48 -5.09 -13.32 -2.87
N PHE B 49 -4.81 -13.42 -1.58
CA PHE B 49 -3.97 -12.40 -0.96
C PHE B 49 -2.55 -12.42 -1.50
N GLU B 50 -2.08 -13.57 -2.00
CA GLU B 50 -0.74 -13.59 -2.57
C GLU B 50 -0.71 -13.17 -4.04
N GLU B 51 -1.70 -13.59 -4.83
CA GLU B 51 -1.70 -13.40 -6.28
C GLU B 51 -2.47 -12.16 -6.72
N GLY B 52 -3.46 -11.67 -5.92
CA GLY B 52 -4.37 -10.69 -6.44
C GLY B 52 -5.41 -11.33 -7.36
N PHE B 53 -6.21 -10.47 -8.01
CA PHE B 53 -7.18 -10.91 -9.02
C PHE B 53 -6.62 -10.61 -10.39
N HIS B 54 -6.13 -11.65 -11.05
CA HIS B 54 -5.64 -11.49 -12.41
C HIS B 54 -6.80 -11.72 -13.38
N ALA B 55 -6.77 -10.98 -14.49
CA ALA B 55 -7.79 -11.23 -15.50
C ALA B 55 -7.55 -12.54 -16.26
N LYS B 56 -8.62 -13.07 -16.83
CA LYS B 56 -8.50 -14.33 -17.56
C LYS B 56 -7.68 -14.19 -18.83
N ASP B 57 -7.88 -13.12 -19.60
CA ASP B 57 -7.22 -13.05 -20.92
C ASP B 57 -7.01 -11.58 -21.32
N VAL B 58 -5.88 -11.01 -20.87
CA VAL B 58 -5.58 -9.61 -21.20
C VAL B 58 -5.22 -9.45 -22.68
N GLN B 59 -4.52 -10.41 -23.26
CA GLN B 59 -4.08 -10.21 -24.64
C GLN B 59 -5.23 -10.36 -25.63
N ASN B 60 -6.00 -11.43 -25.50
CA ASN B 60 -6.91 -11.82 -26.57
C ASN B 60 -8.35 -11.93 -26.13
N GLY B 61 -8.68 -11.45 -24.93
CA GLY B 61 -10.03 -11.58 -24.43
C GLY B 61 -10.95 -10.51 -24.98
N GLN B 62 -12.17 -10.52 -24.46
CA GLN B 62 -13.25 -9.65 -24.95
C GLN B 62 -13.11 -8.25 -24.32
N TYR B 63 -12.76 -7.26 -25.14
CA TYR B 63 -12.57 -5.92 -24.66
C TYR B 63 -13.85 -5.09 -24.67
N ASP B 64 -14.91 -5.56 -25.32
CA ASP B 64 -16.16 -4.81 -25.22
C ASP B 64 -16.79 -5.09 -23.86
N VAL B 65 -16.92 -4.05 -23.05
CA VAL B 65 -17.43 -4.17 -21.67
C VAL B 65 -18.85 -4.69 -21.69
N GLU B 66 -19.65 -4.28 -22.67
CA GLU B 66 -21.05 -4.72 -22.70
C GLU B 66 -21.12 -6.21 -23.03
N LYS B 67 -20.36 -6.66 -24.03
CA LYS B 67 -20.36 -8.10 -24.35
C LYS B 67 -19.84 -8.91 -23.18
N TYR B 68 -18.80 -8.44 -22.51
CA TYR B 68 -18.29 -9.17 -21.36
C TYR B 68 -19.34 -9.27 -20.26
N VAL B 69 -20.01 -8.14 -19.94
CA VAL B 69 -21.01 -8.13 -18.86
C VAL B 69 -22.19 -9.04 -19.21
N LEU B 70 -22.63 -9.00 -20.48
CA LEU B 70 -23.79 -9.79 -20.87
C LEU B 70 -23.47 -11.27 -20.82
N VAL B 71 -22.35 -11.66 -21.44
CA VAL B 71 -21.89 -13.05 -21.47
C VAL B 71 -20.51 -13.11 -20.80
N ASN B 72 -20.44 -13.73 -19.62
CA ASN B 72 -19.13 -13.95 -19.00
C ASN B 72 -18.25 -14.80 -19.90
N GLN B 73 -17.10 -14.27 -20.25
CA GLN B 73 -16.20 -14.92 -21.19
C GLN B 73 -14.81 -14.42 -20.86
N PRO B 74 -13.77 -15.00 -21.48
CA PRO B 74 -12.42 -14.57 -21.13
C PRO B 74 -12.18 -13.15 -21.59
N SER B 75 -11.70 -12.32 -20.66
CA SER B 75 -11.61 -10.89 -20.91
C SER B 75 -10.42 -10.33 -20.16
N PRO B 76 -10.07 -9.07 -20.41
CA PRO B 76 -9.09 -8.35 -19.58
C PRO B 76 -9.65 -7.82 -18.29
N TYR B 77 -10.94 -8.05 -17.99
CA TYR B 77 -11.59 -7.41 -16.85
C TYR B 77 -11.76 -8.37 -15.69
N VAL B 78 -11.69 -7.82 -14.47
CA VAL B 78 -12.16 -8.51 -13.26
C VAL B 78 -13.32 -7.73 -12.69
N SER B 79 -14.43 -8.43 -12.46
CA SER B 79 -15.63 -7.76 -11.95
C SER B 79 -15.65 -7.64 -10.43
N THR B 80 -16.19 -6.51 -9.98
CA THR B 80 -16.54 -6.26 -8.58
C THR B 80 -17.87 -5.52 -8.56
N SER B 81 -18.39 -5.27 -7.36
CA SER B 81 -19.67 -4.60 -7.24
C SER B 81 -19.55 -3.52 -6.16
N TYR B 82 -20.34 -2.46 -6.31
CA TYR B 82 -20.53 -1.54 -5.20
C TYR B 82 -21.31 -2.14 -4.03
N ASP B 83 -22.05 -3.24 -4.25
CA ASP B 83 -23.00 -3.76 -3.26
C ASP B 83 -22.36 -4.80 -2.34
N HIS B 84 -22.18 -4.43 -1.08
CA HIS B 84 -21.65 -5.36 -0.10
C HIS B 84 -22.43 -6.67 -0.07
N ASP B 85 -23.75 -6.62 -0.33
CA ASP B 85 -24.59 -7.79 -0.16
C ASP B 85 -24.77 -8.62 -1.43
N LEU B 86 -24.04 -8.32 -2.50
CA LEU B 86 -24.22 -9.11 -3.71
C LEU B 86 -23.83 -10.57 -3.50
N TYR B 87 -22.96 -10.83 -2.53
CA TYR B 87 -22.61 -12.22 -2.22
C TYR B 87 -23.80 -13.10 -1.96
N LYS B 88 -24.90 -12.53 -1.39
CA LYS B 88 -26.11 -13.33 -1.12
C LYS B 88 -26.74 -13.88 -2.39
N THR B 89 -26.60 -13.17 -3.52
CA THR B 89 -27.03 -13.74 -4.79
C THR B 89 -26.08 -14.83 -5.25
N TRP B 90 -24.77 -14.60 -5.12
CA TRP B 90 -23.75 -15.56 -5.52
C TRP B 90 -23.27 -16.34 -4.31
N TYR B 91 -24.22 -16.94 -3.58
CA TYR B 91 -23.94 -17.51 -2.27
C TYR B 91 -23.17 -18.83 -2.37
N LYS B 92 -23.00 -19.38 -3.57
CA LYS B 92 -22.24 -20.61 -3.77
C LYS B 92 -20.76 -20.37 -4.02
N SER B 93 -20.34 -19.12 -4.27
CA SER B 93 -18.92 -18.78 -4.19
C SER B 93 -18.58 -18.52 -2.74
N GLY B 94 -17.54 -19.14 -2.25
CA GLY B 94 -17.51 -19.17 -0.82
C GLY B 94 -16.88 -18.01 -0.14
N TYR B 95 -16.45 -16.96 -0.87
CA TYR B 95 -15.82 -15.85 -0.19
C TYR B 95 -16.32 -14.52 -0.73
N ASN B 96 -16.49 -13.55 0.18
CA ASN B 96 -16.80 -12.16 -0.20
C ASN B 96 -15.53 -11.34 0.06
N TYR B 97 -14.80 -11.00 -1.01
CA TYR B 97 -13.59 -10.18 -0.90
C TYR B 97 -13.92 -8.70 -0.88
N TYR B 98 -13.21 -7.97 -0.02
CA TYR B 98 -13.36 -6.53 0.17
C TYR B 98 -12.20 -5.87 -0.54
N VAL B 99 -12.50 -4.90 -1.44
CA VAL B 99 -11.50 -4.32 -2.34
C VAL B 99 -11.48 -2.82 -2.12
N ASP B 100 -10.28 -2.24 -1.99
CA ASP B 100 -10.13 -0.79 -1.93
C ASP B 100 -9.08 -0.42 -2.97
N ALA B 101 -9.55 -0.20 -4.21
CA ALA B 101 -8.66 -0.01 -5.35
C ALA B 101 -9.07 1.23 -6.10
N PRO B 102 -8.15 1.93 -6.72
CA PRO B 102 -8.48 3.15 -7.48
C PRO B 102 -9.07 2.79 -8.83
N GLY B 103 -10.00 3.62 -9.29
CA GLY B 103 -10.43 3.49 -10.67
C GLY B 103 -11.41 2.39 -10.96
N GLY B 104 -11.17 1.67 -12.05
CA GLY B 104 -12.14 0.74 -12.56
C GLY B 104 -13.19 1.42 -13.44
N ILE B 105 -13.86 0.61 -14.25
CA ILE B 105 -14.87 1.09 -15.19
C ILE B 105 -16.22 0.93 -14.52
N ASP B 106 -16.97 2.03 -14.40
CA ASP B 106 -18.30 1.92 -13.82
C ASP B 106 -19.23 1.35 -14.90
N VAL B 107 -19.69 0.12 -14.68
CA VAL B 107 -20.39 -0.60 -15.77
C VAL B 107 -21.68 0.11 -16.17
N ASN B 108 -22.53 0.45 -15.19
CA ASN B 108 -23.79 1.07 -15.58
C ASN B 108 -23.62 2.46 -16.17
N LYS B 109 -22.63 3.24 -15.74
CA LYS B 109 -22.44 4.54 -16.39
C LYS B 109 -21.94 4.38 -17.83
N THR B 110 -21.23 3.29 -18.09
CA THR B 110 -20.61 3.02 -19.38
C THR B 110 -21.56 2.38 -20.37
N ILE B 111 -22.39 1.41 -19.95
CA ILE B 111 -23.26 0.66 -20.87
C ILE B 111 -24.74 0.88 -20.60
N GLY B 112 -25.09 1.67 -19.58
CA GLY B 112 -26.47 1.96 -19.26
C GLY B 112 -26.95 1.09 -18.12
N ASP B 113 -28.16 1.38 -17.64
CA ASP B 113 -28.70 0.66 -16.50
C ASP B 113 -29.93 -0.17 -16.86
N THR B 114 -30.13 -0.47 -18.14
CA THR B 114 -31.28 -1.25 -18.54
C THR B 114 -30.95 -2.72 -18.82
N HIS B 115 -29.67 -3.10 -18.87
CA HIS B 115 -29.28 -4.47 -19.18
C HIS B 115 -29.60 -5.40 -17.99
N LYS B 116 -29.49 -6.70 -18.26
CA LYS B 116 -29.88 -7.77 -17.34
C LYS B 116 -29.19 -7.69 -15.98
N TRP B 117 -27.97 -7.18 -15.92
CA TRP B 117 -27.19 -7.19 -14.69
C TRP B 117 -27.04 -5.81 -14.08
N ALA B 118 -27.90 -4.86 -14.44
CA ALA B 118 -27.76 -3.51 -13.91
C ALA B 118 -27.83 -3.51 -12.38
N ASP B 119 -28.67 -4.36 -11.79
CA ASP B 119 -28.82 -4.31 -10.34
C ASP B 119 -27.59 -4.81 -9.60
N GLN B 120 -26.62 -5.37 -10.30
CA GLN B 120 -25.38 -5.81 -9.66
C GLN B 120 -24.34 -4.72 -9.58
N VAL B 121 -24.67 -3.54 -10.10
CA VAL B 121 -23.90 -2.31 -9.88
C VAL B 121 -22.41 -2.57 -9.93
N GLU B 122 -21.96 -3.04 -11.10
CA GLU B 122 -20.62 -3.56 -11.23
C GLU B 122 -19.61 -2.47 -11.56
N VAL B 123 -18.37 -2.76 -11.15
CA VAL B 123 -17.18 -2.00 -11.56
C VAL B 123 -16.20 -3.03 -12.13
N ALA B 124 -15.79 -2.82 -13.39
CA ALA B 124 -14.92 -3.75 -14.09
C ALA B 124 -13.50 -3.20 -14.16
N PHE B 125 -12.54 -4.00 -13.70
CA PHE B 125 -11.14 -3.54 -13.58
C PHE B 125 -10.31 -4.12 -14.73
N PRO B 126 -9.92 -3.32 -15.70
CA PRO B 126 -9.09 -3.83 -16.80
C PRO B 126 -7.69 -4.10 -16.30
N GLY B 127 -7.24 -5.32 -16.55
CA GLY B 127 -6.02 -5.79 -15.94
C GLY B 127 -6.20 -6.34 -14.55
N GLY B 128 -7.40 -6.42 -14.07
CA GLY B 128 -7.56 -6.98 -12.73
C GLY B 128 -7.22 -6.03 -11.60
N ILE B 129 -6.94 -6.67 -10.47
CA ILE B 129 -6.73 -5.94 -9.20
C ILE B 129 -5.52 -6.53 -8.50
N GLN B 130 -4.45 -5.74 -8.38
CA GLN B 130 -3.28 -6.23 -7.67
C GLN B 130 -3.58 -6.39 -6.18
N ARG B 131 -2.83 -7.30 -5.55
CA ARG B 131 -3.17 -7.79 -4.21
C ARG B 131 -3.14 -6.67 -3.16
N LYS B 132 -2.32 -5.64 -3.33
CA LYS B 132 -2.21 -4.63 -2.28
C LYS B 132 -3.49 -3.78 -2.20
N TYR B 133 -4.39 -3.90 -3.16
CA TYR B 133 -5.69 -3.20 -3.07
C TYR B 133 -6.81 -4.13 -2.67
N ILE B 134 -6.50 -5.33 -2.18
CA ILE B 134 -7.51 -6.24 -1.59
C ILE B 134 -7.40 -6.07 -0.08
N ILE B 135 -8.50 -5.58 0.53
CA ILE B 135 -8.49 -5.31 1.98
C ILE B 135 -8.42 -6.62 2.75
N GLY B 136 -9.25 -7.57 2.36
CA GLY B 136 -9.50 -8.73 3.21
C GLY B 136 -10.68 -9.47 2.64
N VAL B 137 -11.24 -10.35 3.46
CA VAL B 137 -12.28 -11.30 2.99
C VAL B 137 -13.14 -11.69 4.17
N CYS B 138 -14.40 -12.04 3.88
CA CYS B 138 -15.24 -12.81 4.78
C CYS B 138 -15.74 -14.06 4.07
N PRO B 139 -15.60 -15.24 4.65
CA PRO B 139 -16.20 -16.42 4.05
C PRO B 139 -17.71 -16.34 4.16
N VAL B 140 -18.37 -17.07 3.25
CA VAL B 140 -19.81 -17.07 3.13
C VAL B 140 -20.35 -18.45 3.48
N ASP B 141 -21.36 -18.48 4.35
CA ASP B 141 -22.08 -19.71 4.64
C ASP B 141 -23.13 -19.93 3.57
N ARG B 142 -23.01 -21.04 2.84
CA ARG B 142 -23.92 -21.30 1.73
C ARG B 142 -25.35 -21.51 2.18
N GLN B 143 -25.56 -22.05 3.38
CA GLN B 143 -26.92 -22.43 3.76
C GLN B 143 -27.74 -21.25 4.25
N THR B 144 -27.11 -20.31 4.94
CA THR B 144 -27.80 -19.11 5.41
C THR B 144 -27.55 -17.91 4.52
N LYS B 145 -26.64 -18.02 3.56
CA LYS B 145 -26.31 -16.89 2.69
C LYS B 145 -25.87 -15.68 3.50
N THR B 146 -24.99 -15.92 4.47
CA THR B 146 -24.48 -14.84 5.31
C THR B 146 -22.97 -14.94 5.42
N GLU B 147 -22.33 -13.83 5.74
CA GLU B 147 -20.91 -13.81 6.02
C GLU B 147 -20.63 -14.43 7.38
N ILE B 148 -19.59 -15.24 7.44
CA ILE B 148 -19.18 -15.89 8.68
C ILE B 148 -18.20 -14.88 9.30
N MET B 149 -18.74 -13.91 10.05
CA MET B 149 -17.93 -12.75 10.40
C MET B 149 -16.76 -13.07 11.31
N SER B 150 -16.91 -14.07 12.19
CA SER B 150 -15.81 -14.45 13.05
C SER B 150 -14.62 -14.97 12.28
N ASP B 151 -14.81 -15.33 10.98
CA ASP B 151 -13.72 -15.83 10.16
C ASP B 151 -13.31 -14.85 9.05
N CYS B 152 -13.75 -13.60 9.13
CA CYS B 152 -13.16 -12.62 8.22
C CYS B 152 -11.67 -12.51 8.52
N GLU B 153 -10.92 -12.09 7.48
CA GLU B 153 -9.47 -11.99 7.63
C GLU B 153 -8.97 -10.77 6.89
N SER B 154 -7.96 -10.10 7.47
CA SER B 154 -7.25 -9.04 6.75
C SER B 154 -6.16 -9.59 5.85
N ASN B 155 -6.00 -8.92 4.69
CA ASN B 155 -4.89 -9.24 3.81
C ASN B 155 -3.64 -8.55 4.35
N PRO B 156 -2.59 -9.31 4.71
CA PRO B 156 -1.36 -8.67 5.19
C PRO B 156 -0.72 -7.76 4.20
N HIS B 157 -1.04 -7.87 2.91
CA HIS B 157 -0.43 -7.01 1.92
C HIS B 157 -1.27 -5.79 1.56
N TYR B 158 -2.40 -5.56 2.22
CA TYR B 158 -3.18 -4.39 1.86
C TYR B 158 -2.38 -3.13 2.18
N GLN B 159 -2.41 -2.19 1.23
CA GLN B 159 -1.66 -0.95 1.33
C GLN B 159 -2.59 0.23 1.13
N PRO B 160 -3.19 0.72 2.21
CA PRO B 160 -4.10 1.86 2.09
C PRO B 160 -3.45 3.04 1.40
N TRP B 161 -4.29 3.84 0.72
CA TRP B 161 -3.86 4.94 -0.12
C TRP B 161 -4.75 6.16 0.05
N HIS B 162 -5.77 6.09 0.95
CA HIS B 162 -6.59 7.26 1.33
C HIS B 162 -7.18 6.99 2.69
N ALA C 3 24.75 -11.57 8.43
CA ALA C 3 25.50 -12.77 8.01
C ALA C 3 25.57 -12.94 6.48
N CYS C 4 26.75 -13.31 5.99
N CYS C 4 26.80 -13.11 5.98
CA CYS C 4 27.02 -13.33 4.56
CA CYS C 4 27.09 -13.33 4.57
C CYS C 4 27.79 -14.60 4.20
C CYS C 4 27.73 -14.70 4.41
N PRO C 5 27.08 -15.64 3.75
CA PRO C 5 27.77 -16.90 3.41
C PRO C 5 28.78 -16.70 2.28
N GLN C 6 29.89 -17.44 2.38
CA GLN C 6 30.94 -17.43 1.37
C GLN C 6 30.97 -18.77 0.65
N PHE C 7 31.33 -18.75 -0.63
CA PHE C 7 31.39 -19.96 -1.43
C PHE C 7 32.76 -20.07 -2.08
N ASP C 8 33.33 -21.28 -2.08
CA ASP C 8 34.60 -21.51 -2.76
C ASP C 8 34.47 -21.36 -4.27
N ASP C 9 33.26 -21.52 -4.81
CA ASP C 9 33.00 -21.40 -6.25
C ASP C 9 32.99 -19.92 -6.62
N ARG C 10 34.05 -19.44 -7.26
CA ARG C 10 34.13 -18.03 -7.61
C ARG C 10 33.21 -17.62 -8.74
N THR C 11 32.58 -18.58 -9.43
CA THR C 11 31.57 -18.27 -10.43
C THR C 11 30.20 -18.78 -10.00
N LYS C 12 29.97 -18.85 -8.68
CA LYS C 12 28.67 -19.28 -8.17
C LYS C 12 27.56 -18.42 -8.77
N ALA C 13 27.81 -17.11 -8.95
CA ALA C 13 26.74 -16.26 -9.47
C ALA C 13 26.52 -16.41 -10.97
N ALA C 14 27.45 -17.02 -11.71
CA ALA C 14 27.46 -16.93 -13.16
C ALA C 14 26.20 -17.45 -13.85
N ALA C 15 25.76 -16.72 -14.88
CA ALA C 15 24.78 -17.20 -15.86
C ALA C 15 25.41 -17.98 -17.01
N ASP C 16 26.63 -17.67 -17.40
CA ASP C 16 27.26 -18.29 -18.56
C ASP C 16 28.08 -19.48 -18.11
N ARG C 17 28.14 -20.46 -18.98
CA ARG C 17 29.00 -21.62 -18.83
C ARG C 17 30.41 -21.30 -19.32
N GLY C 18 31.36 -22.08 -18.81
CA GLY C 18 32.67 -22.10 -19.38
C GLY C 18 33.61 -20.99 -19.00
N VAL C 19 33.37 -20.28 -17.90
CA VAL C 19 34.31 -19.25 -17.45
C VAL C 19 35.42 -19.88 -16.64
N ASP C 20 36.65 -19.63 -17.07
CA ASP C 20 37.86 -20.07 -16.37
C ASP C 20 38.46 -18.84 -15.67
N VAL C 21 38.32 -18.80 -14.34
CA VAL C 21 38.80 -17.64 -13.59
C VAL C 21 40.30 -17.47 -13.64
N ASP C 22 41.06 -18.50 -14.02
CA ASP C 22 42.51 -18.37 -14.12
C ASP C 22 42.91 -17.36 -15.20
N ARG C 23 42.00 -17.00 -16.10
CA ARG C 23 42.27 -16.03 -17.16
C ARG C 23 42.18 -14.57 -16.72
N ILE C 24 41.62 -14.30 -15.55
CA ILE C 24 41.35 -12.93 -15.09
C ILE C 24 42.69 -12.27 -14.73
N THR C 25 42.90 -11.05 -15.17
CA THR C 25 44.04 -10.25 -14.73
C THR C 25 43.51 -8.87 -14.40
N PRO C 26 44.19 -8.12 -13.51
CA PRO C 26 45.18 -8.61 -12.56
C PRO C 26 44.52 -9.51 -11.54
N GLU C 27 45.25 -9.85 -10.49
CA GLU C 27 44.73 -10.75 -9.48
C GLU C 27 43.42 -10.20 -8.92
N PRO C 28 42.31 -10.93 -9.03
CA PRO C 28 41.03 -10.37 -8.58
C PRO C 28 40.93 -10.34 -7.06
N VAL C 29 40.30 -9.27 -6.55
CA VAL C 29 39.88 -9.19 -5.16
C VAL C 29 38.39 -9.45 -5.19
N TRP C 30 37.99 -10.60 -4.65
CA TRP C 30 36.60 -11.02 -4.68
C TRP C 30 35.82 -10.33 -3.57
N ARG C 31 34.63 -9.86 -3.93
CA ARG C 31 33.71 -9.24 -2.98
C ARG C 31 33.25 -10.30 -1.97
N THR C 32 33.31 -9.95 -0.69
CA THR C 32 32.89 -10.89 0.36
C THR C 32 31.63 -10.44 1.07
N THR C 33 31.07 -9.28 0.69
CA THR C 33 29.85 -8.81 1.33
C THR C 33 28.65 -9.28 0.51
N CYS C 34 27.46 -8.95 1.01
N CYS C 34 27.46 -9.05 1.04
CA CYS C 34 26.23 -9.56 0.49
CA CYS C 34 26.25 -9.55 0.40
C CYS C 34 25.14 -8.51 0.28
C CYS C 34 25.13 -8.53 0.48
N GLY C 35 25.51 -7.27 0.21
CA GLY C 35 24.53 -6.21 0.10
C GLY C 35 23.94 -6.19 -1.31
N THR C 36 22.88 -5.38 -1.47
CA THR C 36 22.28 -5.21 -2.77
C THR C 36 23.22 -4.46 -3.71
N LEU C 37 23.31 -4.96 -4.95
CA LEU C 37 24.04 -4.26 -6.01
C LEU C 37 23.03 -3.86 -7.09
N TYR C 38 23.48 -3.02 -8.02
CA TYR C 38 22.57 -2.41 -8.99
C TYR C 38 23.14 -2.43 -10.38
N ARG C 39 22.27 -2.59 -11.37
CA ARG C 39 22.72 -2.53 -12.76
C ARG C 39 21.67 -1.80 -13.58
N SER C 40 22.11 -0.78 -14.31
CA SER C 40 21.26 -0.09 -15.29
C SER C 40 21.33 -0.90 -16.57
N ASP C 41 20.16 -1.24 -17.12
CA ASP C 41 20.09 -1.99 -18.37
C ASP C 41 18.83 -1.60 -19.13
N SER C 42 18.92 -1.57 -20.48
CA SER C 42 17.77 -1.22 -21.27
C SER C 42 16.86 -2.41 -21.52
N ARG C 43 17.32 -3.62 -21.28
N ARG C 43 17.34 -3.64 -21.28
CA ARG C 43 16.47 -4.78 -21.53
CA ARG C 43 16.51 -4.82 -21.48
C ARG C 43 15.39 -4.84 -20.46
C ARG C 43 15.39 -4.83 -20.46
N GLY C 44 14.19 -5.22 -20.89
CA GLY C 44 13.04 -5.15 -20.00
C GLY C 44 12.97 -6.36 -19.07
N PRO C 45 12.14 -6.25 -18.05
CA PRO C 45 12.14 -7.26 -16.99
C PRO C 45 11.76 -8.63 -17.44
N GLN C 46 10.81 -8.75 -18.36
CA GLN C 46 10.45 -10.12 -18.67
C GLN C 46 11.57 -10.79 -19.42
N VAL C 47 12.40 -10.02 -20.12
CA VAL C 47 13.63 -10.60 -20.70
C VAL C 47 14.66 -10.92 -19.60
N VAL C 48 14.99 -9.93 -18.77
CA VAL C 48 16.06 -10.11 -17.79
C VAL C 48 15.69 -11.15 -16.74
N PHE C 49 14.43 -11.16 -16.29
CA PHE C 49 14.10 -12.13 -15.27
C PHE C 49 14.10 -13.56 -15.80
N GLU C 50 13.86 -13.72 -17.11
N GLU C 50 13.91 -13.71 -17.11
CA GLU C 50 13.91 -15.05 -17.71
CA GLU C 50 13.91 -15.05 -17.70
C GLU C 50 15.34 -15.50 -17.99
C GLU C 50 15.33 -15.50 -18.02
N GLU C 51 16.19 -14.57 -18.47
CA GLU C 51 17.51 -14.93 -19.00
C GLU C 51 18.66 -14.69 -18.03
N GLY C 52 18.50 -13.79 -17.08
CA GLY C 52 19.61 -13.33 -16.26
C GLY C 52 20.46 -12.35 -17.05
N PHE C 53 21.62 -12.02 -16.52
CA PHE C 53 22.57 -11.15 -17.24
C PHE C 53 23.70 -12.01 -17.77
N HIS C 54 23.79 -12.14 -19.08
CA HIS C 54 24.87 -12.89 -19.69
C HIS C 54 25.94 -11.93 -20.18
N ALA C 55 27.20 -12.38 -20.17
CA ALA C 55 28.27 -11.54 -20.67
C ALA C 55 28.35 -11.59 -22.21
N LYS C 56 28.99 -10.56 -22.78
CA LYS C 56 29.07 -10.46 -24.24
C LYS C 56 29.94 -11.56 -24.86
N ASP C 57 31.09 -11.87 -24.26
CA ASP C 57 32.06 -12.75 -24.93
C ASP C 57 32.92 -13.48 -23.88
N VAL C 58 32.42 -14.62 -23.40
CA VAL C 58 33.17 -15.40 -22.41
C VAL C 58 34.41 -16.07 -23.02
N GLN C 59 34.32 -16.53 -24.28
CA GLN C 59 35.40 -17.32 -24.86
C GLN C 59 36.58 -16.43 -25.24
N ASN C 60 36.31 -15.28 -25.84
CA ASN C 60 37.37 -14.51 -26.49
C ASN C 60 37.40 -13.06 -26.05
N GLY C 61 36.69 -12.70 -24.98
CA GLY C 61 36.60 -11.32 -24.58
C GLY C 61 37.81 -10.86 -23.76
N GLN C 62 37.74 -9.59 -23.34
CA GLN C 62 38.84 -8.91 -22.64
C GLN C 62 38.80 -9.31 -21.17
N TYR C 63 39.70 -10.19 -20.76
CA TYR C 63 39.72 -10.66 -19.37
C TYR C 63 40.49 -9.75 -18.44
N ASP C 64 41.21 -8.74 -18.95
CA ASP C 64 41.86 -7.79 -18.05
C ASP C 64 40.83 -6.80 -17.54
N VAL C 65 40.67 -6.75 -16.22
CA VAL C 65 39.61 -5.92 -15.65
C VAL C 65 39.87 -4.44 -15.94
N GLU C 66 41.12 -4.00 -15.88
CA GLU C 66 41.40 -2.58 -16.12
C GLU C 66 41.05 -2.20 -17.55
N LYS C 67 41.48 -3.03 -18.50
CA LYS C 67 41.21 -2.74 -19.90
C LYS C 67 39.71 -2.76 -20.17
N TYR C 68 39.01 -3.72 -19.56
CA TYR C 68 37.57 -3.77 -19.72
C TYR C 68 36.91 -2.51 -19.15
N VAL C 69 37.40 -2.02 -17.99
CA VAL C 69 36.83 -0.78 -17.42
C VAL C 69 37.17 0.44 -18.30
N LEU C 70 38.39 0.57 -18.78
CA LEU C 70 38.76 1.78 -19.53
C LEU C 70 38.15 1.83 -20.93
N VAL C 71 38.08 0.69 -21.62
CA VAL C 71 37.75 0.69 -23.04
C VAL C 71 36.45 -0.04 -23.35
N ASN C 72 36.02 -0.98 -22.53
CA ASN C 72 34.69 -1.59 -22.67
C ASN C 72 34.54 -2.37 -23.98
N GLN C 73 35.63 -3.05 -24.40
CA GLN C 73 35.47 -4.02 -25.49
C GLN C 73 34.69 -5.25 -24.97
N PRO C 74 34.16 -6.10 -25.87
CA PRO C 74 33.42 -7.30 -25.41
C PRO C 74 34.26 -8.12 -24.42
N SER C 75 33.61 -8.63 -23.38
CA SER C 75 34.30 -9.20 -22.22
C SER C 75 33.48 -10.32 -21.62
N PRO C 76 34.08 -11.08 -20.71
CA PRO C 76 33.33 -12.07 -19.92
C PRO C 76 32.60 -11.47 -18.73
N TYR C 77 32.62 -10.15 -18.55
CA TYR C 77 32.12 -9.54 -17.31
C TYR C 77 30.80 -8.83 -17.52
N VAL C 78 29.94 -8.91 -16.50
CA VAL C 78 28.75 -8.07 -16.42
C VAL C 78 28.96 -7.13 -15.25
N SER C 79 28.84 -5.83 -15.52
CA SER C 79 29.03 -4.82 -14.48
C SER C 79 27.78 -4.58 -13.65
N THR C 80 28.04 -4.36 -12.36
CA THR C 80 27.03 -3.85 -11.41
C THR C 80 27.72 -2.80 -10.55
N SER C 81 26.94 -2.09 -9.71
CA SER C 81 27.54 -1.10 -8.85
C SER C 81 27.05 -1.29 -7.42
N TYR C 82 27.88 -0.87 -6.46
CA TYR C 82 27.40 -0.71 -5.09
C TYR C 82 26.42 0.46 -4.92
N ASP C 83 26.36 1.40 -5.87
CA ASP C 83 25.62 2.66 -5.69
C ASP C 83 24.19 2.55 -6.25
N HIS C 84 23.21 2.58 -5.35
CA HIS C 84 21.83 2.51 -5.80
C HIS C 84 21.53 3.63 -6.78
N ASP C 85 22.17 4.78 -6.61
CA ASP C 85 21.82 5.98 -7.42
C ASP C 85 22.59 6.08 -8.71
N LEU C 86 23.43 5.09 -9.10
CA LEU C 86 24.21 5.23 -10.33
C LEU C 86 23.29 5.30 -11.56
N TYR C 87 22.05 4.81 -11.44
CA TYR C 87 21.09 4.89 -12.54
C TYR C 87 20.83 6.33 -12.96
N LYS C 88 21.03 7.31 -12.05
CA LYS C 88 20.81 8.70 -12.43
C LYS C 88 21.84 9.17 -13.46
N THR C 89 23.05 8.61 -13.42
CA THR C 89 24.04 8.89 -14.44
C THR C 89 23.61 8.24 -15.77
N TRP C 90 23.16 7.00 -15.71
CA TRP C 90 22.75 6.22 -16.87
C TRP C 90 21.24 6.30 -17.02
N TYR C 91 20.73 7.54 -17.03
CA TYR C 91 19.28 7.78 -16.89
C TYR C 91 18.52 7.45 -18.16
N LYS C 92 19.21 7.23 -19.30
CA LYS C 92 18.51 6.82 -20.51
C LYS C 92 18.26 5.32 -20.58
N SER C 93 18.82 4.52 -19.67
CA SER C 93 18.79 3.07 -19.82
C SER C 93 17.38 2.49 -19.72
N GLY C 94 16.58 2.99 -18.81
CA GLY C 94 15.19 2.59 -18.67
C GLY C 94 14.91 1.83 -17.39
N TYR C 95 15.89 1.06 -16.89
CA TYR C 95 15.64 0.20 -15.74
C TYR C 95 16.83 0.15 -14.80
N ASN C 96 16.53 0.14 -13.50
CA ASN C 96 17.54 -0.04 -12.43
C ASN C 96 17.25 -1.41 -11.83
N TYR C 97 18.07 -2.42 -12.18
CA TYR C 97 17.93 -3.78 -11.63
C TYR C 97 18.63 -3.92 -10.28
N TYR C 98 17.95 -4.60 -9.36
CA TYR C 98 18.45 -4.85 -8.01
C TYR C 98 18.95 -6.28 -7.94
N VAL C 99 20.19 -6.45 -7.53
CA VAL C 99 20.90 -7.76 -7.61
C VAL C 99 21.33 -8.19 -6.20
N ASP C 100 21.09 -9.45 -5.83
CA ASP C 100 21.56 -10.03 -4.59
C ASP C 100 22.26 -11.31 -4.99
N ALA C 101 23.57 -11.19 -5.26
CA ALA C 101 24.40 -12.28 -5.80
C ALA C 101 25.67 -12.46 -5.00
N PRO C 102 26.14 -13.69 -4.86
CA PRO C 102 27.39 -13.92 -4.14
C PRO C 102 28.59 -13.55 -4.97
N GLY C 103 29.59 -13.00 -4.30
CA GLY C 103 30.92 -12.81 -4.91
C GLY C 103 30.98 -11.68 -5.92
N GLY C 104 31.63 -11.96 -7.06
CA GLY C 104 31.97 -10.93 -8.00
C GLY C 104 33.32 -10.29 -7.69
N ILE C 105 33.87 -9.60 -8.68
CA ILE C 105 35.18 -8.96 -8.53
C ILE C 105 34.94 -7.52 -8.11
N ASP C 106 35.47 -7.12 -6.95
CA ASP C 106 35.38 -5.72 -6.54
C ASP C 106 36.38 -4.93 -7.38
N VAL C 107 35.87 -4.05 -8.25
CA VAL C 107 36.75 -3.42 -9.25
C VAL C 107 37.79 -2.53 -8.57
N ASN C 108 37.37 -1.63 -7.68
CA ASN C 108 38.34 -0.68 -7.11
C ASN C 108 39.30 -1.37 -6.14
N LYS C 109 38.86 -2.43 -5.45
CA LYS C 109 39.83 -3.19 -4.67
C LYS C 109 40.86 -3.90 -5.57
N THR C 110 40.48 -4.26 -6.81
CA THR C 110 41.35 -5.01 -7.72
C THR C 110 42.31 -4.11 -8.50
N ILE C 111 41.83 -2.95 -8.97
CA ILE C 111 42.58 -2.05 -9.85
C ILE C 111 42.83 -0.68 -9.23
N GLY C 112 42.46 -0.48 -7.98
CA GLY C 112 42.68 0.80 -7.33
C GLY C 112 41.48 1.72 -7.51
N ASP C 113 41.54 2.84 -6.81
CA ASP C 113 40.37 3.73 -6.73
C ASP C 113 40.66 5.12 -7.28
N THR C 114 41.71 5.25 -8.10
CA THR C 114 42.09 6.50 -8.73
C THR C 114 41.95 6.49 -10.25
N HIS C 115 41.60 5.36 -10.84
CA HIS C 115 41.32 5.31 -12.27
C HIS C 115 40.04 6.13 -12.60
N LYS C 116 39.80 6.30 -13.91
CA LYS C 116 38.83 7.26 -14.42
C LYS C 116 37.38 6.95 -13.99
N TRP C 117 37.05 5.69 -13.81
CA TRP C 117 35.68 5.28 -13.51
C TRP C 117 35.51 4.86 -12.05
N ALA C 118 36.43 5.27 -11.17
CA ALA C 118 36.36 4.76 -9.81
C ALA C 118 35.06 5.13 -9.11
N ASP C 119 34.47 6.27 -9.46
CA ASP C 119 33.24 6.65 -8.79
C ASP C 119 32.05 5.79 -9.17
N GLN C 120 32.20 4.88 -10.12
CA GLN C 120 31.14 3.93 -10.44
C GLN C 120 31.07 2.78 -9.44
N VAL C 121 32.08 2.65 -8.56
CA VAL C 121 32.13 1.66 -7.49
C VAL C 121 31.59 0.32 -7.94
N GLU C 122 32.27 -0.29 -8.89
CA GLU C 122 31.73 -1.41 -9.65
C GLU C 122 32.12 -2.75 -9.05
N VAL C 123 31.23 -3.71 -9.25
CA VAL C 123 31.49 -5.14 -9.03
C VAL C 123 31.29 -5.82 -10.36
N ALA C 124 32.33 -6.50 -10.86
CA ALA C 124 32.25 -7.15 -12.15
C ALA C 124 32.05 -8.64 -11.99
N PHE C 125 31.02 -9.20 -12.63
CA PHE C 125 30.72 -10.62 -12.46
C PHE C 125 31.21 -11.43 -13.66
N PRO C 126 32.25 -12.24 -13.52
CA PRO C 126 32.73 -13.05 -14.66
C PRO C 126 31.71 -14.15 -14.98
N GLY C 127 31.26 -14.17 -16.24
CA GLY C 127 30.15 -15.04 -16.61
C GLY C 127 28.79 -14.51 -16.20
N GLY C 128 28.72 -13.23 -15.81
CA GLY C 128 27.40 -12.62 -15.53
C GLY C 128 26.70 -13.12 -14.26
N ILE C 129 25.37 -12.99 -14.26
CA ILE C 129 24.57 -13.14 -13.04
C ILE C 129 23.33 -13.95 -13.42
N GLN C 130 23.20 -15.14 -12.88
CA GLN C 130 22.03 -15.93 -13.20
C GLN C 130 20.78 -15.33 -12.56
N ARG C 131 19.63 -15.68 -13.15
CA ARG C 131 18.38 -14.96 -12.84
C ARG C 131 17.93 -15.12 -11.38
N LYS C 132 18.29 -16.21 -10.71
CA LYS C 132 17.84 -16.40 -9.32
C LYS C 132 18.48 -15.41 -8.38
N TYR C 133 19.54 -14.69 -8.81
CA TYR C 133 20.17 -13.68 -7.97
C TYR C 133 19.75 -12.28 -8.37
N ILE C 134 18.72 -12.13 -9.21
CA ILE C 134 18.19 -10.80 -9.54
C ILE C 134 16.92 -10.59 -8.73
N ILE C 135 16.92 -9.60 -7.81
CA ILE C 135 15.78 -9.40 -6.91
C ILE C 135 14.56 -8.92 -7.68
N GLY C 136 14.78 -7.94 -8.55
CA GLY C 136 13.69 -7.13 -9.10
C GLY C 136 14.24 -5.95 -9.85
N VAL C 137 13.36 -4.98 -10.12
CA VAL C 137 13.75 -3.85 -10.96
C VAL C 137 12.84 -2.70 -10.61
N CYS C 138 13.33 -1.50 -10.82
CA CYS C 138 12.47 -0.30 -10.87
C CYS C 138 12.72 0.42 -12.18
N PRO C 139 11.70 0.74 -12.96
CA PRO C 139 11.91 1.55 -14.15
C PRO C 139 12.32 2.96 -13.77
N VAL C 140 13.02 3.61 -14.72
CA VAL C 140 13.59 4.94 -14.51
C VAL C 140 12.89 5.93 -15.42
N ASP C 141 12.38 7.04 -14.83
CA ASP C 141 11.79 8.13 -15.61
C ASP C 141 12.93 8.97 -16.20
N ARG C 142 12.97 9.08 -17.54
CA ARG C 142 14.09 9.78 -18.16
C ARG C 142 14.13 11.25 -17.82
N GLN C 143 12.97 11.92 -17.80
CA GLN C 143 12.92 13.37 -17.59
C GLN C 143 13.42 13.77 -16.21
N THR C 144 13.00 13.04 -15.18
CA THR C 144 13.36 13.40 -13.83
C THR C 144 14.51 12.61 -13.27
N LYS C 145 14.97 11.60 -14.01
CA LYS C 145 16.07 10.75 -13.58
C LYS C 145 15.76 10.13 -12.23
N THR C 146 14.53 9.63 -12.08
CA THR C 146 14.10 9.05 -10.81
C THR C 146 13.41 7.74 -11.05
N GLU C 147 13.47 6.84 -10.06
CA GLU C 147 12.76 5.57 -10.20
C GLU C 147 11.26 5.78 -10.09
N ILE C 148 10.52 5.01 -10.88
CA ILE C 148 9.05 5.08 -10.90
C ILE C 148 8.66 3.96 -9.94
N MET C 149 8.55 4.30 -8.64
CA MET C 149 8.50 3.23 -7.65
C MET C 149 7.18 2.43 -7.70
N SER C 150 6.07 3.06 -8.09
CA SER C 150 4.85 2.31 -8.29
C SER C 150 4.97 1.24 -9.36
N ASP C 151 5.99 1.33 -10.23
CA ASP C 151 6.16 0.36 -11.30
C ASP C 151 7.33 -0.59 -11.05
N CYS C 152 7.92 -0.58 -9.84
CA CYS C 152 8.91 -1.62 -9.50
C CYS C 152 8.23 -2.99 -9.58
N GLU C 153 9.02 -4.02 -9.90
CA GLU C 153 8.56 -5.40 -10.00
C GLU C 153 9.57 -6.33 -9.35
N SER C 154 9.07 -7.34 -8.64
N SER C 154 9.08 -7.35 -8.66
CA SER C 154 9.87 -8.48 -8.19
CA SER C 154 9.93 -8.45 -8.20
C SER C 154 10.08 -9.48 -9.30
C SER C 154 10.07 -9.52 -9.25
N ASN C 155 11.25 -10.15 -9.25
CA ASN C 155 11.52 -11.29 -10.12
C ASN C 155 11.00 -12.55 -9.45
N PRO C 156 10.03 -13.26 -10.04
CA PRO C 156 9.52 -14.46 -9.42
C PRO C 156 10.55 -15.57 -9.30
N HIS C 157 11.68 -15.46 -10.00
CA HIS C 157 12.73 -16.48 -9.89
C HIS C 157 13.77 -16.16 -8.83
N TYR C 158 13.66 -14.99 -8.15
CA TYR C 158 14.63 -14.67 -7.11
C TYR C 158 14.58 -15.72 -6.02
N GLN C 159 15.76 -16.24 -5.64
CA GLN C 159 15.86 -17.19 -4.52
C GLN C 159 16.78 -16.66 -3.43
N PRO C 160 16.24 -16.15 -2.32
CA PRO C 160 17.10 -15.69 -1.22
C PRO C 160 18.03 -16.78 -0.73
N TRP C 161 19.23 -16.36 -0.38
CA TRP C 161 20.27 -17.29 0.03
C TRP C 161 20.99 -16.84 1.30
N HIS C 162 20.59 -15.74 1.90
CA HIS C 162 21.07 -15.29 3.20
C HIS C 162 20.01 -14.44 3.87
N ALA D 3 -37.13 -12.03 -1.86
CA ALA D 3 -37.37 -10.61 -1.67
C ALA D 3 -37.14 -10.23 -0.23
N CYS D 4 -38.00 -9.38 0.26
N CYS D 4 -37.80 -9.13 0.19
CA CYS D 4 -37.71 -8.73 1.53
CA CYS D 4 -37.77 -8.60 1.55
C CYS D 4 -39.00 -8.54 2.29
C CYS D 4 -39.13 -8.76 2.17
N PRO D 5 -39.23 -9.35 3.35
CA PRO D 5 -40.51 -9.33 4.07
C PRO D 5 -40.79 -7.97 4.68
N GLN D 6 -42.05 -7.55 4.59
CA GLN D 6 -42.49 -6.28 5.16
C GLN D 6 -43.35 -6.54 6.39
N PHE D 7 -43.28 -5.63 7.37
CA PHE D 7 -44.08 -5.74 8.58
C PHE D 7 -44.86 -4.46 8.81
N ASP D 8 -46.16 -4.58 9.11
CA ASP D 8 -46.95 -3.40 9.45
C ASP D 8 -46.47 -2.74 10.73
N ASP D 9 -45.79 -3.47 11.60
CA ASP D 9 -45.33 -2.94 12.88
C ASP D 9 -44.11 -2.08 12.62
N ARG D 10 -44.27 -0.76 12.72
CA ARG D 10 -43.15 0.13 12.44
C ARG D 10 -42.08 0.11 13.53
N THR D 11 -42.32 -0.53 14.66
CA THR D 11 -41.26 -0.69 15.66
C THR D 11 -40.88 -2.15 15.82
N LYS D 12 -41.09 -2.94 14.78
CA LYS D 12 -40.71 -4.35 14.83
C LYS D 12 -39.27 -4.54 15.32
N ALA D 13 -38.34 -3.70 14.82
CA ALA D 13 -36.92 -3.83 15.16
C ALA D 13 -36.58 -3.36 16.56
N ALA D 14 -37.49 -2.70 17.27
CA ALA D 14 -37.13 -1.88 18.42
C ALA D 14 -36.61 -2.74 19.58
N ALA D 15 -35.58 -2.24 20.25
CA ALA D 15 -35.18 -2.79 21.54
C ALA D 15 -35.91 -2.17 22.72
N ASP D 16 -36.45 -0.98 22.58
CA ASP D 16 -37.07 -0.26 23.69
C ASP D 16 -38.58 -0.20 23.46
N ARG D 17 -39.32 -0.32 24.57
CA ARG D 17 -40.72 0.05 24.65
C ARG D 17 -40.84 1.56 24.80
N GLY D 18 -42.05 2.07 24.69
CA GLY D 18 -42.27 3.47 24.92
C GLY D 18 -42.27 4.38 23.70
N VAL D 19 -42.20 3.85 22.48
CA VAL D 19 -42.18 4.67 21.27
C VAL D 19 -43.61 4.86 20.71
N ASP D 20 -44.06 6.10 20.64
CA ASP D 20 -45.32 6.45 19.98
C ASP D 20 -44.94 6.94 18.58
N VAL D 21 -45.23 6.14 17.55
CA VAL D 21 -44.78 6.56 16.22
C VAL D 21 -45.52 7.79 15.74
N ASP D 22 -46.70 8.07 16.31
CA ASP D 22 -47.44 9.27 15.94
C ASP D 22 -46.72 10.55 16.32
N ARG D 23 -45.69 10.49 17.19
CA ARG D 23 -44.97 11.69 17.58
C ARG D 23 -43.87 12.04 16.60
N ILE D 24 -43.53 11.14 15.67
CA ILE D 24 -42.41 11.36 14.77
C ILE D 24 -42.76 12.49 13.81
N THR D 25 -41.87 13.45 13.66
CA THR D 25 -42.05 14.52 12.69
C THR D 25 -40.74 14.64 11.93
N PRO D 26 -40.77 15.08 10.67
CA PRO D 26 -41.97 15.18 9.83
C PRO D 26 -42.45 13.76 9.50
N GLU D 27 -43.40 13.67 8.58
CA GLU D 27 -43.99 12.36 8.25
C GLU D 27 -42.90 11.37 7.86
N PRO D 28 -42.75 10.27 8.57
CA PRO D 28 -41.65 9.35 8.26
C PRO D 28 -41.88 8.59 6.96
N VAL D 29 -40.79 8.40 6.21
CA VAL D 29 -40.74 7.48 5.08
C VAL D 29 -39.97 6.25 5.54
N TRP D 30 -40.66 5.11 5.62
CA TRP D 30 -40.10 3.90 6.17
C TRP D 30 -39.31 3.13 5.11
N ARG D 31 -38.16 2.61 5.52
CA ARG D 31 -37.31 1.81 4.63
C ARG D 31 -37.99 0.48 4.36
N THR D 32 -38.03 0.06 3.09
CA THR D 32 -38.67 -1.19 2.70
C THR D 32 -37.67 -2.21 2.17
N THR D 33 -36.39 -1.88 2.16
CA THR D 33 -35.40 -2.83 1.73
C THR D 33 -34.83 -3.56 2.95
N CYS D 34 -33.96 -4.54 2.66
N CYS D 34 -33.99 -4.55 2.68
CA CYS D 34 -33.49 -5.50 3.66
CA CYS D 34 -33.48 -5.38 3.77
C CYS D 34 -31.98 -5.70 3.58
C CYS D 34 -32.03 -5.74 3.52
N GLY D 35 -31.29 -4.77 3.00
CA GLY D 35 -29.84 -4.89 2.91
C GLY D 35 -29.15 -4.60 4.23
N THR D 36 -27.85 -4.95 4.29
CA THR D 36 -27.09 -4.73 5.50
C THR D 36 -26.94 -3.23 5.74
N LEU D 37 -27.11 -2.81 7.00
CA LEU D 37 -26.88 -1.43 7.42
C LEU D 37 -25.74 -1.43 8.41
N TYR D 38 -25.24 -0.25 8.75
CA TYR D 38 -24.00 -0.16 9.54
C TYR D 38 -24.15 0.88 10.63
N ARG D 39 -23.54 0.62 11.79
CA ARG D 39 -23.56 1.63 12.85
C ARG D 39 -22.18 1.64 13.50
N SER D 40 -21.60 2.84 13.62
CA SER D 40 -20.36 3.05 14.37
C SER D 40 -20.75 3.26 15.83
N ASP D 41 -20.06 2.56 16.74
CA ASP D 41 -20.38 2.70 18.15
C ASP D 41 -19.13 2.37 18.92
N SER D 42 -18.91 3.12 20.02
CA SER D 42 -17.77 2.84 20.87
C SER D 42 -17.95 1.63 21.76
N ARG D 43 -19.19 1.19 22.00
CA ARG D 43 -19.40 0.05 22.88
C ARG D 43 -19.03 -1.24 22.19
N GLY D 44 -18.41 -2.15 22.93
CA GLY D 44 -17.93 -3.39 22.39
C GLY D 44 -19.02 -4.46 22.33
N PRO D 45 -18.74 -5.53 21.58
CA PRO D 45 -19.74 -6.57 21.33
C PRO D 45 -20.19 -7.33 22.55
N GLN D 46 -19.34 -7.42 23.57
CA GLN D 46 -19.76 -8.03 24.84
C GLN D 46 -20.97 -7.33 25.42
N VAL D 47 -21.12 -6.04 25.14
CA VAL D 47 -22.29 -5.27 25.57
C VAL D 47 -23.37 -5.27 24.50
N VAL D 48 -23.01 -4.89 23.27
CA VAL D 48 -23.98 -4.65 22.21
C VAL D 48 -24.66 -5.96 21.76
N PHE D 49 -23.91 -7.05 21.67
CA PHE D 49 -24.56 -8.30 21.27
C PHE D 49 -25.54 -8.78 22.34
N GLU D 50 -25.31 -8.43 23.60
CA GLU D 50 -26.21 -8.87 24.66
C GLU D 50 -27.41 -7.96 24.83
N GLU D 51 -27.23 -6.65 24.61
CA GLU D 51 -28.24 -5.65 24.89
C GLU D 51 -28.96 -5.13 23.66
N GLY D 52 -28.38 -5.25 22.48
CA GLY D 52 -28.88 -4.53 21.35
C GLY D 52 -28.52 -3.06 21.45
N PHE D 53 -29.09 -2.27 20.55
CA PHE D 53 -28.86 -0.83 20.57
C PHE D 53 -30.11 -0.17 21.14
N HIS D 54 -29.99 0.43 22.33
CA HIS D 54 -31.11 1.11 22.96
C HIS D 54 -31.03 2.59 22.70
N ALA D 55 -32.20 3.24 22.61
CA ALA D 55 -32.17 4.68 22.37
C ALA D 55 -32.01 5.45 23.68
N LYS D 56 -31.51 6.66 23.55
CA LYS D 56 -31.16 7.44 24.75
C LYS D 56 -32.39 7.91 25.54
N ASP D 57 -33.45 8.33 24.87
CA ASP D 57 -34.58 8.90 25.60
C ASP D 57 -35.86 8.75 24.76
N VAL D 58 -36.54 7.62 24.93
CA VAL D 58 -37.79 7.42 24.20
C VAL D 58 -38.92 8.24 24.80
N GLN D 59 -38.87 8.52 26.10
CA GLN D 59 -39.99 9.22 26.73
C GLN D 59 -39.98 10.71 26.37
N ASN D 60 -38.87 11.39 26.56
CA ASN D 60 -38.83 12.84 26.41
C ASN D 60 -37.84 13.34 25.38
N GLY D 61 -37.28 12.44 24.56
CA GLY D 61 -36.28 12.83 23.60
C GLY D 61 -36.85 13.60 22.42
N GLN D 62 -35.94 13.95 21.49
CA GLN D 62 -36.24 14.77 20.33
C GLN D 62 -36.84 13.90 19.22
N TYR D 63 -38.17 13.98 19.07
CA TYR D 63 -38.88 13.16 18.08
C TYR D 63 -38.83 13.74 16.67
N ASP D 64 -38.40 14.98 16.49
CA ASP D 64 -38.24 15.50 15.14
C ASP D 64 -36.96 14.91 14.54
N VAL D 65 -37.09 14.18 13.42
CA VAL D 65 -35.95 13.49 12.84
C VAL D 65 -34.88 14.48 12.41
N GLU D 66 -35.29 15.64 11.89
CA GLU D 66 -34.29 16.59 11.42
C GLU D 66 -33.53 17.22 12.58
N LYS D 67 -34.24 17.66 13.61
CA LYS D 67 -33.58 18.23 14.79
C LYS D 67 -32.63 17.20 15.40
N TYR D 68 -33.03 15.94 15.45
CA TYR D 68 -32.14 14.92 15.99
C TYR D 68 -30.89 14.72 15.12
N VAL D 69 -31.09 14.62 13.79
CA VAL D 69 -29.95 14.44 12.87
C VAL D 69 -28.96 15.60 12.94
N LEU D 70 -29.46 16.84 13.09
CA LEU D 70 -28.60 18.02 13.07
C LEU D 70 -27.97 18.35 14.42
N VAL D 71 -28.65 18.05 15.52
CA VAL D 71 -28.19 18.53 16.81
C VAL D 71 -27.85 17.42 17.79
N ASN D 72 -28.35 16.22 17.61
CA ASN D 72 -27.94 15.04 18.37
C ASN D 72 -28.34 15.10 19.85
N GLN D 73 -29.43 15.80 20.19
CA GLN D 73 -29.91 15.70 21.55
C GLN D 73 -30.38 14.27 21.85
N PRO D 74 -30.54 13.90 23.13
CA PRO D 74 -31.15 12.60 23.44
C PRO D 74 -32.49 12.46 22.74
N SER D 75 -32.75 11.25 22.22
CA SER D 75 -33.83 11.05 21.27
C SER D 75 -34.28 9.60 21.35
N PRO D 76 -35.41 9.26 20.73
CA PRO D 76 -35.85 7.86 20.67
C PRO D 76 -35.19 7.07 19.58
N TYR D 77 -34.24 7.66 18.84
CA TYR D 77 -33.72 7.05 17.62
C TYR D 77 -32.32 6.48 17.83
N VAL D 78 -32.05 5.36 17.18
CA VAL D 78 -30.68 4.89 17.00
C VAL D 78 -30.32 5.02 15.54
N SER D 79 -29.19 5.67 15.26
CA SER D 79 -28.77 5.90 13.88
C SER D 79 -27.96 4.74 13.30
N THR D 80 -28.21 4.47 12.01
CA THR D 80 -27.42 3.55 11.21
C THR D 80 -27.28 4.19 9.85
N SER D 81 -26.47 3.57 8.97
CA SER D 81 -26.24 4.10 7.64
C SER D 81 -26.29 2.96 6.62
N TYR D 82 -26.74 3.31 5.41
CA TYR D 82 -26.57 2.40 4.29
C TYR D 82 -25.09 2.23 3.88
N ASP D 83 -24.19 3.12 4.30
CA ASP D 83 -22.80 3.14 3.82
C ASP D 83 -21.87 2.33 4.72
N HIS D 84 -21.37 1.20 4.16
CA HIS D 84 -20.43 0.36 4.88
C HIS D 84 -19.24 1.18 5.39
N ASP D 85 -18.82 2.20 4.63
CA ASP D 85 -17.55 2.89 4.94
C ASP D 85 -17.71 4.13 5.83
N LEU D 86 -18.91 4.42 6.35
CA LEU D 86 -19.06 5.62 7.18
C LEU D 86 -18.22 5.54 8.45
N TYR D 87 -17.85 4.33 8.88
CA TYR D 87 -16.96 4.20 10.04
C TYR D 87 -15.67 5.01 9.88
N LYS D 88 -15.25 5.25 8.64
CA LYS D 88 -14.00 6.01 8.45
C LYS D 88 -14.18 7.44 8.90
N THR D 89 -15.38 8.00 8.78
CA THR D 89 -15.62 9.32 9.30
C THR D 89 -15.61 9.30 10.83
N TRP D 90 -16.17 8.24 11.40
CA TRP D 90 -16.31 8.08 12.85
C TRP D 90 -15.25 7.12 13.35
N TYR D 91 -14.00 7.43 12.97
CA TYR D 91 -12.92 6.46 13.16
C TYR D 91 -12.49 6.32 14.61
N LYS D 92 -12.92 7.21 15.51
CA LYS D 92 -12.53 7.08 16.91
C LYS D 92 -13.50 6.21 17.67
N SER D 93 -14.59 5.81 17.03
CA SER D 93 -15.63 5.06 17.75
C SER D 93 -15.13 3.73 18.29
N GLY D 94 -14.63 2.88 17.45
CA GLY D 94 -13.93 1.65 17.87
C GLY D 94 -14.50 0.46 17.07
N TYR D 95 -15.79 0.51 16.78
CA TYR D 95 -16.46 -0.66 16.22
C TYR D 95 -17.43 -0.27 15.10
N ASN D 96 -17.47 -1.07 14.01
CA ASN D 96 -18.43 -0.95 12.91
C ASN D 96 -19.35 -2.16 12.99
N TYR D 97 -20.60 -1.93 13.44
CA TYR D 97 -21.59 -2.99 13.57
C TYR D 97 -22.35 -3.16 12.29
N TYR D 98 -22.62 -4.42 11.94
CA TYR D 98 -23.32 -4.82 10.73
C TYR D 98 -24.72 -5.27 11.17
N VAL D 99 -25.73 -4.62 10.63
CA VAL D 99 -27.13 -4.74 11.07
C VAL D 99 -28.00 -5.29 9.93
N ASP D 100 -28.89 -6.22 10.26
CA ASP D 100 -29.88 -6.79 9.32
C ASP D 100 -31.21 -6.70 10.06
N ALA D 101 -31.86 -5.55 9.96
CA ALA D 101 -33.11 -5.29 10.70
C ALA D 101 -34.18 -4.82 9.76
N PRO D 102 -35.44 -5.10 10.06
CA PRO D 102 -36.54 -4.63 9.21
C PRO D 102 -36.86 -3.17 9.50
N GLY D 103 -37.22 -2.46 8.44
CA GLY D 103 -37.80 -1.14 8.60
C GLY D 103 -36.80 -0.05 8.94
N GLY D 104 -37.19 0.83 9.84
CA GLY D 104 -36.41 2.03 10.14
C GLY D 104 -36.85 3.20 9.26
N ILE D 105 -36.52 4.40 9.71
CA ILE D 105 -36.88 5.62 9.00
C ILE D 105 -35.75 5.97 8.03
N ASP D 106 -36.06 6.08 6.75
CA ASP D 106 -35.05 6.50 5.79
C ASP D 106 -34.89 8.02 5.92
N VAL D 107 -33.73 8.47 6.41
CA VAL D 107 -33.61 9.87 6.82
C VAL D 107 -33.74 10.80 5.63
N ASN D 108 -33.00 10.56 4.56
CA ASN D 108 -33.04 11.48 3.43
C ASN D 108 -34.39 11.46 2.73
N LYS D 109 -35.08 10.33 2.69
CA LYS D 109 -36.42 10.34 2.11
C LYS D 109 -37.39 11.10 3.02
N THR D 110 -37.11 11.21 4.30
CA THR D 110 -38.02 11.85 5.24
C THR D 110 -37.76 13.36 5.39
N ILE D 111 -36.49 13.77 5.43
CA ILE D 111 -36.12 15.17 5.66
C ILE D 111 -35.44 15.79 4.47
N GLY D 112 -35.24 15.05 3.39
CA GLY D 112 -34.61 15.59 2.20
C GLY D 112 -33.13 15.28 2.16
N ASP D 113 -32.49 15.68 1.07
CA ASP D 113 -31.10 15.32 0.88
C ASP D 113 -30.19 16.54 0.79
N THR D 114 -30.62 17.69 1.33
CA THR D 114 -29.81 18.89 1.32
C THR D 114 -29.22 19.24 2.67
N HIS D 115 -29.57 18.53 3.72
CA HIS D 115 -29.06 18.82 5.05
C HIS D 115 -27.58 18.42 5.15
N LYS D 116 -26.96 18.91 6.22
CA LYS D 116 -25.53 18.74 6.45
C LYS D 116 -25.07 17.28 6.36
N TRP D 117 -25.92 16.34 6.77
CA TRP D 117 -25.51 14.96 6.94
C TRP D 117 -26.09 14.06 5.86
N ALA D 118 -26.52 14.63 4.73
CA ALA D 118 -27.19 13.83 3.71
C ALA D 118 -26.25 12.75 3.17
N ASP D 119 -24.95 13.04 3.08
CA ASP D 119 -24.05 12.02 2.55
C ASP D 119 -23.87 10.84 3.49
N GLN D 120 -24.33 10.93 4.75
CA GLN D 120 -24.30 9.82 5.69
C GLN D 120 -25.38 8.79 5.49
N VAL D 121 -26.29 9.07 4.55
CA VAL D 121 -27.33 8.17 4.08
C VAL D 121 -27.89 7.35 5.24
N GLU D 122 -28.50 8.04 6.21
CA GLU D 122 -28.87 7.45 7.48
C GLU D 122 -30.23 6.79 7.45
N VAL D 123 -30.37 5.79 8.31
CA VAL D 123 -31.64 5.13 8.65
C VAL D 123 -31.75 5.20 10.16
N ALA D 124 -32.83 5.82 10.64
CA ALA D 124 -33.03 6.01 12.07
C ALA D 124 -34.03 5.01 12.60
N PHE D 125 -33.66 4.27 13.64
CA PHE D 125 -34.57 3.27 14.18
C PHE D 125 -35.24 3.77 15.46
N PRO D 126 -36.54 4.04 15.44
CA PRO D 126 -37.22 4.50 16.65
C PRO D 126 -37.35 3.37 17.66
N GLY D 127 -36.86 3.60 18.88
CA GLY D 127 -36.78 2.53 19.85
C GLY D 127 -35.61 1.60 19.64
N GLY D 128 -34.68 1.94 18.77
CA GLY D 128 -33.44 1.18 18.69
C GLY D 128 -33.55 -0.14 17.93
N ILE D 129 -32.60 -1.04 18.20
CA ILE D 129 -32.46 -2.24 17.39
C ILE D 129 -32.20 -3.42 18.33
N GLN D 130 -33.12 -4.39 18.35
CA GLN D 130 -32.89 -5.52 19.24
C GLN D 130 -31.73 -6.38 18.74
N ARG D 131 -31.15 -7.12 19.69
CA ARG D 131 -29.88 -7.81 19.40
C ARG D 131 -30.01 -8.85 18.31
N LYS D 132 -31.18 -9.45 18.12
CA LYS D 132 -31.30 -10.52 17.11
C LYS D 132 -31.12 -9.99 15.69
N TYR D 133 -31.16 -8.66 15.51
CA TYR D 133 -31.01 -8.06 14.21
C TYR D 133 -29.58 -7.51 13.98
N ILE D 134 -28.64 -7.80 14.88
CA ILE D 134 -27.26 -7.36 14.75
C ILE D 134 -26.47 -8.57 14.26
N ILE D 135 -25.94 -8.49 13.01
CA ILE D 135 -25.19 -9.63 12.43
C ILE D 135 -23.89 -9.87 13.18
N GLY D 136 -23.17 -8.80 13.47
CA GLY D 136 -21.78 -8.94 13.88
C GLY D 136 -21.11 -7.60 13.87
N VAL D 137 -19.78 -7.60 13.99
CA VAL D 137 -19.05 -6.36 14.13
C VAL D 137 -17.64 -6.55 13.60
N CYS D 138 -17.04 -5.46 13.17
CA CYS D 138 -15.59 -5.41 12.94
C CYS D 138 -15.01 -4.26 13.74
N PRO D 139 -13.95 -4.47 14.53
CA PRO D 139 -13.27 -3.33 15.16
C PRO D 139 -12.59 -2.48 14.10
N VAL D 140 -12.37 -1.22 14.47
CA VAL D 140 -11.79 -0.19 13.59
C VAL D 140 -10.44 0.23 14.17
N ASP D 141 -9.41 0.20 13.31
CA ASP D 141 -8.09 0.70 13.69
C ASP D 141 -8.15 2.22 13.64
N ARG D 142 -7.96 2.89 14.79
CA ARG D 142 -8.08 4.35 14.80
C ARG D 142 -6.97 4.99 13.95
N GLN D 143 -5.77 4.39 13.95
CA GLN D 143 -4.63 5.01 13.31
C GLN D 143 -4.77 5.10 11.79
N THR D 144 -5.32 4.06 11.16
CA THR D 144 -5.47 4.02 9.71
C THR D 144 -6.91 4.10 9.23
N LYS D 145 -7.89 4.21 10.15
CA LYS D 145 -9.30 4.29 9.74
C LYS D 145 -9.69 3.12 8.85
N THR D 146 -9.30 1.92 9.25
CA THR D 146 -9.61 0.71 8.48
C THR D 146 -10.19 -0.34 9.41
N GLU D 147 -10.94 -1.29 8.85
CA GLU D 147 -11.47 -2.37 9.71
C GLU D 147 -10.37 -3.39 10.00
N ILE D 148 -10.31 -3.85 11.24
CA ILE D 148 -9.36 -4.90 11.61
C ILE D 148 -10.11 -6.20 11.32
N MET D 149 -10.04 -6.63 10.04
CA MET D 149 -10.96 -7.69 9.59
C MET D 149 -10.65 -9.03 10.21
N SER D 150 -9.41 -9.30 10.63
CA SER D 150 -9.14 -10.54 11.36
C SER D 150 -9.71 -10.60 12.77
N ASP D 151 -10.27 -9.48 13.24
CA ASP D 151 -10.92 -9.48 14.55
C ASP D 151 -12.42 -9.22 14.45
N CYS D 152 -13.02 -9.39 13.24
CA CYS D 152 -14.50 -9.29 13.21
C CYS D 152 -15.12 -10.46 13.95
N GLU D 153 -16.37 -10.26 14.43
CA GLU D 153 -17.01 -11.27 15.26
C GLU D 153 -18.48 -11.42 14.87
N SER D 154 -18.98 -12.65 14.82
CA SER D 154 -20.42 -12.86 14.62
C SER D 154 -21.14 -12.74 15.94
N ASN D 155 -22.38 -12.23 15.88
CA ASN D 155 -23.23 -12.16 17.07
C ASN D 155 -23.96 -13.48 17.24
N PRO D 156 -23.77 -14.22 18.34
CA PRO D 156 -24.46 -15.52 18.47
C PRO D 156 -25.96 -15.41 18.53
N HIS D 157 -26.50 -14.23 18.83
CA HIS D 157 -27.94 -13.99 18.93
C HIS D 157 -28.57 -13.59 17.60
N TYR D 158 -27.79 -13.42 16.52
CA TYR D 158 -28.38 -13.03 15.23
C TYR D 158 -29.34 -14.11 14.75
N GLN D 159 -30.55 -13.67 14.36
CA GLN D 159 -31.56 -14.58 13.83
C GLN D 159 -31.96 -14.13 12.43
N PRO D 160 -31.46 -14.78 11.38
CA PRO D 160 -31.93 -14.48 10.02
C PRO D 160 -33.45 -14.51 9.90
N TRP D 161 -33.97 -13.60 9.07
CA TRP D 161 -35.42 -13.48 8.89
C TRP D 161 -35.79 -13.33 7.42
N HIS D 162 -34.82 -13.41 6.51
CA HIS D 162 -35.03 -13.35 5.05
C HIS D 162 -33.82 -13.96 4.37
#